data_3ZCS
#
_entry.id   3ZCS
#
_cell.length_a   128.283
_cell.length_b   128.283
_cell.length_c   116.513
_cell.angle_alpha   90.00
_cell.angle_beta   90.00
_cell.angle_gamma   90.00
#
_symmetry.space_group_name_H-M   'P 43 21 2'
#
loop_
_entity.id
_entity.type
_entity.pdbx_description
1 polymer 'GLYCOGEN PHOSPHORYLASE, MUSCLE FORM'
2 non-polymer "PYRIDOXAL-5'-PHOSPHATE"
3 non-polymer 'INOSINIC ACID'
4 non-polymer N-[[(2R,3R,4S,5S,6R)-6-(hydroxymethyl)-3,4,5-tris(oxidanyl)oxan-2-yl]carbamoyl]naphthalene-1-carboxamide
5 water water
#
_entity_poly.entity_id   1
_entity_poly.type   'polypeptide(L)'
_entity_poly.pdbx_seq_one_letter_code
;MSRPLSDQEKRKQISVRGLAGVENVTELKKNFNRHLHFTLVKDRNVATPRDYYFALAHTVRDHLVGRWIRTQQHYYEKDP
KRIYYLSLEFYMGRTLQNTMVNLALENACDEATYQLGLDMEELEEIEEDAGLGNGGLGRLAACFLDSMATLGLAAYGYGI
RYEFGIFNQKICGGWQMEEADDWLRYGNPWEKARPEFTLPVHFYGRVEHTSQGAKWVDTQVVLAMPYDTPVPGYRNNVVN
TMRLWSAKAPNDFNLKDFNVGGYIQAVLDRNLAENISRVLYPNDNFFEGKELRLKQEYFVVAATLQDIIRRFKSSKFGCR
DPVRTNFDAFPDKVAIQLNDTHPSLAIPELMRVLVDLERLDWDKAWEVTVKTCAYTNHTVIPEALERWPVHLLETLLPRH
LQIIYEINQRFLNRVAAAFPGDVDRLRRMSLVEEGAVKRINMAHLCIAGSHAVNGVARIHSEILKKTIFKDFYELEPHKF
QNKTNGITPRRWLVLCNPGLAEIIAERIGEEYISDLDQLRKLLSYVDDEAFIRDVAKVKQENKLKFAAYLEREYKVHINP
NSLFDVQVKRIHEYKRQLLNCLHVITLYNRIKKEPNKFVVPRTVMIGGKAAPGYHMAKMIIKLITAIGDVVNHDPVVGDR
LRVIFLENYRVSLAEKVIPAADLSEQISTAGTEASGTGNMKFMLNGALTIGTMDGANVEMAEEAGEENFFIFGMRVEDVD
RLDQRGYNAQEYYDRIPELRQIIEQLSSGFFSPKQPDLFKDIVNMLMHHDRFKVFADYEEYVKCQERVSALYKNPREWTR
MVIRNIATSGKFSSDRTIAQYAREIWGVEPSRQRLPAPDEKIP
;
_entity_poly.pdbx_strand_id   A
#
loop_
_chem_comp.id
_chem_comp.type
_chem_comp.name
_chem_comp.formula
CAW non-polymer N-[[(2R,3R,4S,5S,6R)-6-(hydroxymethyl)-3,4,5-tris(oxidanyl)oxan-2-yl]carbamoyl]naphthalene-1-carboxamide 'C18 H20 N2 O7'
IMP non-polymer 'INOSINIC ACID' 'C10 H13 N4 O8 P'
PLP non-polymer PYRIDOXAL-5'-PHOSPHATE 'C8 H10 N O6 P'
#
# COMPACT_ATOMS: atom_id res chain seq x y z
N GLN A 13 28.55 10.99 -9.56
CA GLN A 13 29.19 9.69 -9.21
C GLN A 13 28.57 8.50 -9.96
N ILE A 14 27.23 8.41 -9.92
CA ILE A 14 26.49 7.28 -10.50
C ILE A 14 25.79 7.72 -11.79
N SER A 15 26.01 6.97 -12.88
CA SER A 15 25.52 7.36 -14.21
C SER A 15 23.99 7.43 -14.35
N VAL A 16 23.27 6.54 -13.66
CA VAL A 16 21.80 6.53 -13.70
C VAL A 16 21.19 7.75 -13.00
N ARG A 17 22.00 8.46 -12.22
CA ARG A 17 21.57 9.66 -11.49
C ARG A 17 21.65 10.95 -12.33
N GLY A 18 22.00 10.80 -13.61
CA GLY A 18 21.97 11.91 -14.56
C GLY A 18 23.25 12.73 -14.68
N LEU A 19 23.19 13.76 -15.54
CA LEU A 19 24.33 14.62 -15.81
C LEU A 19 24.42 15.79 -14.83
N ALA A 20 25.65 16.16 -14.47
CA ALA A 20 25.89 17.33 -13.63
C ALA A 20 26.58 18.43 -14.46
N GLY A 21 25.80 19.05 -15.35
CA GLY A 21 26.27 20.12 -16.23
C GLY A 21 26.61 21.40 -15.48
N VAL A 22 27.68 22.05 -15.93
CA VAL A 22 28.23 23.25 -15.25
C VAL A 22 27.20 24.37 -15.06
N GLU A 23 26.37 24.59 -16.08
CA GLU A 23 25.31 25.61 -16.03
C GLU A 23 24.17 25.22 -15.11
N ASN A 24 23.82 23.93 -15.11
CA ASN A 24 22.76 23.42 -14.27
C ASN A 24 23.12 23.54 -12.79
N VAL A 25 24.37 23.15 -12.47
CA VAL A 25 24.89 23.22 -11.09
C VAL A 25 24.94 24.67 -10.60
N THR A 26 25.41 25.58 -11.46
CA THR A 26 25.49 27.02 -11.14
C THR A 26 24.10 27.60 -10.84
N GLU A 27 23.12 27.24 -11.67
CA GLU A 27 21.75 27.71 -11.52
C GLU A 27 21.07 27.19 -10.24
N LEU A 28 21.26 25.91 -9.94
CA LEU A 28 20.70 25.30 -8.73
C LEU A 28 21.25 25.95 -7.46
N LYS A 29 22.56 26.21 -7.43
CA LYS A 29 23.21 26.87 -6.31
C LYS A 29 22.62 28.24 -6.02
N LYS A 30 22.37 29.03 -7.07
CA LYS A 30 21.87 30.39 -6.87
C LYS A 30 20.39 30.42 -6.49
N ASN A 31 19.62 29.46 -7.00
CA ASN A 31 18.22 29.33 -6.64
C ASN A 31 18.05 28.77 -5.22
N PHE A 32 19.00 27.95 -4.80
CA PHE A 32 19.06 27.45 -3.42
C PHE A 32 19.26 28.62 -2.45
N ASN A 33 20.21 29.49 -2.78
CA ASN A 33 20.49 30.66 -1.96
C ASN A 33 19.35 31.68 -1.97
N ARG A 34 18.68 31.81 -3.10
CA ARG A 34 17.49 32.65 -3.24
C ARG A 34 16.38 32.22 -2.28
N HIS A 35 16.05 30.93 -2.27
CA HIS A 35 15.00 30.40 -1.39
C HIS A 35 15.36 30.50 0.07
N LEU A 36 16.63 30.27 0.41
CA LEU A 36 17.06 30.37 1.79
C LEU A 36 16.81 31.79 2.33
N HIS A 37 17.07 32.78 1.47
CA HIS A 37 16.98 34.19 1.83
C HIS A 37 15.53 34.66 1.77
N PHE A 38 14.92 34.58 0.60
CA PHE A 38 13.60 35.15 0.35
C PHE A 38 12.43 34.28 0.80
N THR A 39 12.56 32.97 0.68
CA THR A 39 11.46 32.05 1.00
C THR A 39 11.46 31.67 2.47
N LEU A 40 12.63 31.33 2.98
CA LEU A 40 12.74 30.90 4.37
C LEU A 40 13.06 32.04 5.34
N VAL A 41 13.50 33.18 4.79
CA VAL A 41 13.87 34.36 5.57
C VAL A 41 14.91 33.99 6.64
N LYS A 42 16.04 33.47 6.17
CA LYS A 42 17.13 33.01 7.03
C LYS A 42 18.46 33.52 6.50
N ASP A 43 19.38 33.90 7.40
CA ASP A 43 20.78 34.11 7.00
C ASP A 43 21.58 32.85 7.26
N ARG A 44 22.63 32.64 6.45
CA ARG A 44 23.49 31.45 6.54
C ARG A 44 24.09 31.22 7.93
N ASN A 45 24.08 32.25 8.76
CA ASN A 45 24.71 32.18 10.08
C ASN A 45 23.88 31.44 11.13
N VAL A 46 22.57 31.33 10.91
CA VAL A 46 21.70 30.64 11.86
C VAL A 46 20.89 29.50 11.21
N ALA A 47 21.14 29.25 9.93
CA ALA A 47 20.44 28.19 9.20
C ALA A 47 20.80 26.81 9.76
N THR A 48 19.80 25.95 9.85
CA THR A 48 19.98 24.59 10.34
C THR A 48 19.83 23.60 9.19
N PRO A 49 20.16 22.31 9.42
CA PRO A 49 19.93 21.31 8.38
C PRO A 49 18.49 21.32 7.83
N ARG A 50 17.50 21.54 8.70
CA ARG A 50 16.10 21.60 8.26
C ARG A 50 15.86 22.74 7.28
N ASP A 51 16.43 23.91 7.58
CA ASP A 51 16.37 25.05 6.68
C ASP A 51 16.95 24.70 5.32
N TYR A 52 18.09 24.00 5.34
CA TYR A 52 18.75 23.61 4.11
C TYR A 52 17.91 22.62 3.30
N TYR A 53 17.29 21.67 4.00
CA TYR A 53 16.34 20.77 3.34
C TYR A 53 15.24 21.55 2.60
N PHE A 54 14.59 22.49 3.30
CA PHE A 54 13.51 23.26 2.68
C PHE A 54 13.97 24.10 1.49
N ALA A 55 15.17 24.67 1.57
CA ALA A 55 15.69 25.45 0.44
C ALA A 55 15.91 24.55 -0.78
N LEU A 56 16.43 23.36 -0.56
CA LEU A 56 16.59 22.37 -1.65
C LEU A 56 15.22 21.93 -2.21
N ALA A 57 14.28 21.60 -1.32
CA ALA A 57 12.94 21.19 -1.74
C ALA A 57 12.25 22.26 -2.61
N HIS A 58 12.35 23.53 -2.20
CA HIS A 58 11.78 24.62 -2.99
C HIS A 58 12.48 24.80 -4.33
N THR A 59 13.80 24.57 -4.36
CA THR A 59 14.58 24.67 -5.61
C THR A 59 14.16 23.59 -6.61
N VAL A 60 14.03 22.35 -6.12
CA VAL A 60 13.58 21.23 -6.95
C VAL A 60 12.12 21.40 -7.40
N ARG A 61 11.27 21.86 -6.47
CA ARG A 61 9.86 22.14 -6.76
C ARG A 61 9.67 23.12 -7.92
N ASP A 62 10.52 24.15 -8.00
CA ASP A 62 10.50 25.11 -9.11
C ASP A 62 10.60 24.42 -10.48
N HIS A 63 11.44 23.40 -10.58
CA HIS A 63 11.59 22.64 -11.83
C HIS A 63 10.36 21.83 -12.26
N LEU A 64 9.49 21.53 -11.29
CA LEU A 64 8.23 20.83 -11.57
C LEU A 64 7.16 21.74 -12.17
N VAL A 65 7.19 23.01 -11.75
CA VAL A 65 6.08 23.94 -12.00
C VAL A 65 5.74 24.16 -13.46
N GLY A 66 6.75 24.46 -14.27
CA GLY A 66 6.55 24.72 -15.69
C GLY A 66 5.92 23.52 -16.38
N ARG A 67 6.47 22.35 -16.09
CA ARG A 67 5.97 21.08 -16.62
C ARG A 67 4.54 20.77 -16.13
N TRP A 68 4.26 21.07 -14.87
CA TRP A 68 2.94 20.87 -14.26
C TRP A 68 1.86 21.71 -14.96
N ILE A 69 2.15 23.00 -15.15
CA ILE A 69 1.22 23.91 -15.83
C ILE A 69 0.96 23.48 -17.27
N ARG A 70 2.02 23.12 -17.99
CA ARG A 70 1.83 22.76 -19.40
C ARG A 70 1.22 21.37 -19.59
N THR A 71 1.46 20.44 -18.67
CA THR A 71 0.79 19.14 -18.72
C THR A 71 -0.73 19.35 -18.58
N GLN A 72 -1.14 20.08 -17.55
CA GLN A 72 -2.57 20.31 -17.31
C GLN A 72 -3.22 21.15 -18.42
N GLN A 73 -2.48 22.11 -18.95
CA GLN A 73 -2.94 22.89 -20.12
C GLN A 73 -3.11 21.97 -21.34
N HIS A 74 -2.14 21.07 -21.54
CA HIS A 74 -2.16 20.07 -22.62
C HIS A 74 -3.42 19.19 -22.58
N TYR A 75 -3.81 18.75 -21.38
CA TYR A 75 -5.03 17.95 -21.22
C TYR A 75 -6.29 18.74 -21.56
N TYR A 76 -6.29 20.01 -21.18
CA TYR A 76 -7.42 20.89 -21.50
C TYR A 76 -7.59 21.07 -23.01
N GLU A 77 -6.48 21.16 -23.73
CA GLU A 77 -6.47 21.36 -25.18
C GLU A 77 -6.88 20.11 -25.94
N LYS A 78 -6.17 19.01 -25.67
CA LYS A 78 -6.37 17.74 -26.36
C LYS A 78 -7.60 16.95 -25.91
N ASP A 79 -8.13 17.31 -24.72
CA ASP A 79 -9.33 16.67 -24.15
C ASP A 79 -9.34 15.13 -24.22
N PRO A 80 -8.30 14.46 -23.69
CA PRO A 80 -8.31 12.99 -23.71
C PRO A 80 -9.28 12.44 -22.67
N LYS A 81 -9.54 11.13 -22.73
CA LYS A 81 -10.29 10.48 -21.66
C LYS A 81 -9.50 10.59 -20.36
N ARG A 82 -10.20 11.00 -19.31
CA ARG A 82 -9.57 11.22 -18.00
C ARG A 82 -9.80 10.05 -17.04
N ILE A 83 -8.75 9.65 -16.35
CA ILE A 83 -8.80 8.56 -15.39
C ILE A 83 -8.83 9.14 -13.97
N TYR A 84 -9.86 8.79 -13.22
CA TYR A 84 -9.97 9.25 -11.83
C TYR A 84 -9.78 8.08 -10.87
N TYR A 85 -8.67 8.09 -10.15
CA TYR A 85 -8.37 7.04 -9.19
C TYR A 85 -8.77 7.46 -7.78
N LEU A 86 -9.89 6.91 -7.29
CA LEU A 86 -10.43 7.29 -5.98
C LEU A 86 -9.96 6.35 -4.88
N SER A 87 -9.27 6.91 -3.89
CA SER A 87 -8.75 6.13 -2.79
C SER A 87 -8.82 6.95 -1.52
N LEU A 88 -9.08 6.29 -0.39
CA LEU A 88 -9.01 6.97 0.90
C LEU A 88 -7.59 6.96 1.43
N GLU A 89 -6.68 6.33 0.69
CA GLU A 89 -5.31 6.19 1.11
C GLU A 89 -4.33 6.40 -0.04
N PHE A 90 -3.33 7.23 0.21
CA PHE A 90 -2.19 7.40 -0.70
C PHE A 90 -0.93 7.42 0.15
N TYR A 91 -0.24 6.30 0.17
CA TYR A 91 0.90 6.10 1.05
C TYR A 91 2.16 6.54 0.31
N MET A 92 2.40 7.85 0.29
CA MET A 92 3.35 8.46 -0.65
C MET A 92 4.82 8.39 -0.24
N GLY A 93 5.09 8.37 1.07
CA GLY A 93 6.47 8.46 1.57
C GLY A 93 7.07 9.84 1.33
N ARG A 94 8.40 9.91 1.23
CA ARG A 94 9.10 11.16 0.92
C ARG A 94 9.03 11.49 -0.57
N THR A 95 9.11 12.78 -0.90
CA THR A 95 8.95 13.27 -2.27
C THR A 95 10.25 13.82 -2.92
N LEU A 96 11.21 14.27 -2.11
CA LEU A 96 12.37 14.99 -2.65
C LEU A 96 13.21 14.14 -3.63
N GLN A 97 13.68 12.98 -3.17
CA GLN A 97 14.52 12.12 -4.00
C GLN A 97 13.77 11.60 -5.22
N ASN A 98 12.50 11.21 -5.02
CA ASN A 98 11.67 10.73 -6.12
C ASN A 98 11.54 11.78 -7.22
N THR A 99 11.40 13.04 -6.81
CA THR A 99 11.27 14.13 -7.75
C THR A 99 12.59 14.32 -8.52
N MET A 100 13.71 14.28 -7.81
CA MET A 100 15.02 14.42 -8.45
C MET A 100 15.27 13.31 -9.46
N VAL A 101 14.98 12.08 -9.06
CA VAL A 101 15.10 10.91 -9.93
C VAL A 101 14.29 11.08 -11.22
N ASN A 102 13.01 11.44 -11.09
CA ASN A 102 12.12 11.55 -12.24
C ASN A 102 12.41 12.75 -13.15
N LEU A 103 13.12 13.74 -12.62
CA LEU A 103 13.50 14.92 -13.40
C LEU A 103 14.95 14.91 -13.89
N ALA A 104 15.68 13.83 -13.56
CA ALA A 104 17.10 13.67 -13.92
C ALA A 104 18.00 14.71 -13.26
N LEU A 105 17.65 15.08 -12.03
CA LEU A 105 18.31 16.16 -11.30
C LEU A 105 19.21 15.69 -10.16
N GLU A 106 19.25 14.39 -9.91
CA GLU A 106 19.90 13.86 -8.71
C GLU A 106 21.40 14.16 -8.60
N ASN A 107 22.16 13.88 -9.66
CA ASN A 107 23.60 14.18 -9.66
C ASN A 107 23.90 15.68 -9.59
N ALA A 108 23.13 16.47 -10.34
CA ALA A 108 23.25 17.93 -10.34
C ALA A 108 23.02 18.55 -8.96
N CYS A 109 21.95 18.13 -8.28
CA CYS A 109 21.66 18.61 -6.93
C CYS A 109 22.71 18.12 -5.92
N ASP A 110 23.21 16.91 -6.14
CA ASP A 110 24.28 16.36 -5.31
C ASP A 110 25.54 17.21 -5.42
N GLU A 111 25.90 17.57 -6.66
CA GLU A 111 27.07 18.44 -6.89
C GLU A 111 26.83 19.84 -6.30
N ALA A 112 25.71 20.45 -6.64
CA ALA A 112 25.35 21.78 -6.16
C ALA A 112 25.40 21.91 -4.64
N THR A 113 24.88 20.91 -3.93
CA THR A 113 24.87 20.94 -2.46
C THR A 113 26.27 20.67 -1.86
N TYR A 114 27.02 19.76 -2.49
CA TYR A 114 28.40 19.48 -2.09
C TYR A 114 29.25 20.75 -2.18
N GLN A 115 29.06 21.51 -3.25
CA GLN A 115 29.79 22.77 -3.47
C GLN A 115 29.41 23.86 -2.46
N LEU A 116 28.23 23.74 -1.85
CA LEU A 116 27.81 24.64 -0.79
C LEU A 116 28.21 24.11 0.58
N GLY A 117 28.86 22.95 0.60
CA GLY A 117 29.36 22.34 1.83
C GLY A 117 28.33 21.51 2.57
N LEU A 118 27.38 20.94 1.83
CA LEU A 118 26.30 20.16 2.43
C LEU A 118 26.25 18.74 1.89
N ASP A 119 25.76 17.82 2.73
CA ASP A 119 25.54 16.44 2.32
C ASP A 119 24.05 16.24 2.03
N MET A 120 23.74 15.99 0.77
CA MET A 120 22.36 15.85 0.32
C MET A 120 21.62 14.69 0.99
N GLU A 121 22.35 13.60 1.24
CA GLU A 121 21.80 12.44 1.93
C GLU A 121 21.27 12.79 3.32
N GLU A 122 22.03 13.63 4.02
CA GLU A 122 21.63 14.11 5.35
C GLU A 122 20.38 14.97 5.27
N LEU A 123 20.30 15.81 4.24
CA LEU A 123 19.12 16.68 4.06
C LEU A 123 17.87 15.87 3.71
N GLU A 124 18.04 14.80 2.93
CA GLU A 124 16.93 13.92 2.55
C GLU A 124 16.25 13.27 3.75
N GLU A 125 17.04 12.96 4.79
CA GLU A 125 16.53 12.31 6.00
C GLU A 125 15.64 13.21 6.85
N ILE A 126 15.67 14.52 6.58
CA ILE A 126 14.86 15.48 7.32
C ILE A 126 13.38 15.47 6.89
N GLU A 127 13.12 15.14 5.63
CA GLU A 127 11.74 15.11 5.11
C GLU A 127 10.86 14.10 5.86
N GLU A 128 9.68 14.56 6.29
CA GLU A 128 8.67 13.66 6.87
C GLU A 128 8.04 12.82 5.78
N ASP A 129 7.74 11.56 6.06
CA ASP A 129 6.88 10.78 5.17
C ASP A 129 5.48 11.37 5.07
N ALA A 130 4.91 11.37 3.88
CA ALA A 130 3.48 11.56 3.76
C ALA A 130 2.87 10.18 3.97
N GLY A 131 2.47 9.90 5.21
CA GLY A 131 2.01 8.58 5.60
C GLY A 131 0.50 8.48 5.59
N LEU A 132 -0.09 8.80 4.44
CA LEU A 132 -1.55 8.85 4.32
C LEU A 132 -2.17 7.52 3.89
N GLY A 133 -1.62 6.44 4.45
CA GLY A 133 -2.15 5.09 4.19
C GLY A 133 -1.67 4.13 5.27
N ASN A 134 -2.26 2.93 5.28
CA ASN A 134 -1.99 1.91 6.28
C ASN A 134 -0.91 0.92 5.85
N GLY A 135 -0.98 0.48 4.60
CA GLY A 135 -0.08 -0.54 4.10
C GLY A 135 -0.20 -0.71 2.61
N GLY A 136 -0.47 -1.95 2.20
CA GLY A 136 -0.39 -2.35 0.80
C GLY A 136 -1.34 -1.62 -0.14
N LEU A 137 -2.59 -1.48 0.30
CA LEU A 137 -3.60 -0.79 -0.49
C LEU A 137 -3.25 0.69 -0.72
N GLY A 138 -2.79 1.34 0.35
CA GLY A 138 -2.34 2.74 0.26
C GLY A 138 -1.10 2.89 -0.60
N ARG A 139 -0.16 1.97 -0.47
CA ARG A 139 1.10 2.04 -1.25
C ARG A 139 0.86 1.70 -2.73
N LEU A 140 -0.13 0.86 -3.01
CA LEU A 140 -0.48 0.52 -4.39
C LEU A 140 -0.95 1.75 -5.15
N ALA A 141 -1.76 2.58 -4.48
CA ALA A 141 -2.26 3.81 -5.09
C ALA A 141 -1.08 4.74 -5.43
N ALA A 142 -0.08 4.77 -4.56
CA ALA A 142 1.10 5.62 -4.75
C ALA A 142 1.96 5.18 -5.94
N CYS A 143 2.22 3.87 -6.04
CA CYS A 143 2.92 3.28 -7.18
C CYS A 143 2.16 3.49 -8.47
N PHE A 144 0.84 3.34 -8.39
CA PHE A 144 -0.05 3.52 -9.53
C PHE A 144 0.01 4.96 -10.07
N LEU A 145 0.05 5.95 -9.19
CA LEU A 145 0.16 7.35 -9.62
C LEU A 145 1.45 7.57 -10.42
N ASP A 146 2.56 7.03 -9.91
CA ASP A 146 3.86 7.11 -10.56
C ASP A 146 3.83 6.49 -11.95
N SER A 147 3.27 5.28 -12.05
CA SER A 147 3.18 4.57 -13.33
C SER A 147 2.26 5.25 -14.35
N MET A 148 1.13 5.79 -13.89
CA MET A 148 0.19 6.48 -14.78
C MET A 148 0.83 7.74 -15.39
N ALA A 149 1.61 8.46 -14.58
CA ALA A 149 2.35 9.62 -15.07
C ALA A 149 3.47 9.22 -16.04
N THR A 150 4.16 8.12 -15.73
CA THR A 150 5.22 7.58 -16.58
C THR A 150 4.67 7.04 -17.92
N LEU A 151 3.43 6.57 -17.93
CA LEU A 151 2.81 6.05 -19.13
C LEU A 151 1.95 7.07 -19.86
N GLY A 152 2.04 8.33 -19.45
CA GLY A 152 1.40 9.44 -20.16
C GLY A 152 -0.11 9.49 -20.13
N LEU A 153 -0.72 8.93 -19.10
CA LEU A 153 -2.18 8.93 -18.99
C LEU A 153 -2.64 10.22 -18.33
N ALA A 154 -3.81 10.71 -18.76
CA ALA A 154 -4.40 11.88 -18.14
C ALA A 154 -5.10 11.42 -16.85
N ALA A 155 -4.32 11.23 -15.81
CA ALA A 155 -4.82 10.59 -14.59
C ALA A 155 -4.80 11.54 -13.39
N TYR A 156 -5.79 11.39 -12.53
CA TYR A 156 -5.90 12.21 -11.32
C TYR A 156 -6.11 11.30 -10.12
N GLY A 157 -5.29 11.50 -9.09
CA GLY A 157 -5.49 10.81 -7.81
C GLY A 157 -6.33 11.71 -6.93
N TYR A 158 -7.40 11.16 -6.35
CA TYR A 158 -8.28 11.94 -5.47
C TYR A 158 -8.45 11.25 -4.14
N GLY A 159 -8.25 12.02 -3.06
CA GLY A 159 -8.33 11.49 -1.71
C GLY A 159 -8.54 12.58 -0.68
N ILE A 160 -8.17 12.28 0.55
CA ILE A 160 -8.32 13.18 1.69
C ILE A 160 -6.95 13.60 2.20
N ARG A 161 -6.80 14.91 2.43
CA ARG A 161 -5.61 15.44 3.07
C ARG A 161 -5.78 15.29 4.58
N TYR A 162 -5.38 14.14 5.13
CA TYR A 162 -5.42 13.94 6.57
C TYR A 162 -4.39 14.85 7.25
N GLU A 163 -4.83 15.52 8.31
CA GLU A 163 -3.93 16.32 9.11
C GLU A 163 -2.96 15.41 9.87
N PHE A 164 -3.45 14.24 10.26
CA PHE A 164 -2.63 13.23 10.89
C PHE A 164 -2.71 11.91 10.11
N GLY A 165 -1.56 11.45 9.64
CA GLY A 165 -1.49 10.18 8.90
C GLY A 165 -1.40 9.01 9.86
N ILE A 166 -0.87 7.89 9.36
CA ILE A 166 -0.66 6.72 10.20
C ILE A 166 0.23 7.08 11.40
N PHE A 167 -0.17 6.66 12.60
CA PHE A 167 0.54 7.01 13.84
C PHE A 167 2.02 6.62 13.80
N ASN A 168 2.85 7.39 14.48
CA ASN A 168 4.21 6.98 14.74
C ASN A 168 4.19 5.92 15.83
N GLN A 169 4.94 4.84 15.61
CA GLN A 169 5.00 3.74 16.55
C GLN A 169 6.24 3.85 17.44
N LYS A 170 5.99 3.93 18.75
CA LYS A 170 7.05 3.85 19.74
C LYS A 170 6.93 2.50 20.42
N ILE A 171 8.07 1.89 20.73
CA ILE A 171 8.09 0.65 21.51
C ILE A 171 8.55 0.97 22.93
N CYS A 172 7.66 0.74 23.89
CA CYS A 172 7.90 1.09 25.28
C CYS A 172 7.69 -0.15 26.15
N GLY A 173 8.78 -0.62 26.75
CA GLY A 173 8.77 -1.87 27.53
C GLY A 173 8.33 -3.08 26.72
N GLY A 174 8.62 -3.05 25.42
CA GLY A 174 8.20 -4.11 24.51
C GLY A 174 6.76 -3.99 23.98
N TRP A 175 6.06 -2.93 24.38
CA TRP A 175 4.69 -2.69 23.92
C TRP A 175 4.62 -1.57 22.89
N GLN A 176 3.71 -1.69 21.93
CA GLN A 176 3.44 -0.60 20.98
C GLN A 176 2.72 0.56 21.65
N MET A 177 3.25 1.76 21.47
CA MET A 177 2.57 2.99 21.84
C MET A 177 2.32 3.81 20.57
N GLU A 178 1.17 4.47 20.51
CA GLU A 178 0.83 5.29 19.35
C GLU A 178 1.03 6.78 19.63
N GLU A 179 1.60 7.46 18.66
CA GLU A 179 1.85 8.89 18.76
C GLU A 179 1.34 9.55 17.50
N ALA A 180 0.69 10.70 17.65
CA ALA A 180 0.18 11.46 16.52
C ALA A 180 1.28 11.76 15.52
N ASP A 181 0.97 11.53 14.25
CA ASP A 181 1.87 11.81 13.13
C ASP A 181 1.57 13.23 12.63
N ASP A 182 2.18 14.21 13.28
CA ASP A 182 1.99 15.62 12.96
C ASP A 182 2.89 16.00 11.78
N TRP A 183 2.60 15.40 10.61
CA TRP A 183 3.50 15.49 9.45
C TRP A 183 3.52 16.88 8.79
N LEU A 184 2.55 17.72 9.13
CA LEU A 184 2.43 19.05 8.51
C LEU A 184 3.04 20.18 9.36
N ARG A 185 3.54 19.83 10.55
CA ARG A 185 4.08 20.79 11.52
C ARG A 185 4.99 21.85 10.91
N TYR A 186 5.95 21.42 10.08
CA TYR A 186 6.93 22.31 9.48
C TYR A 186 6.52 22.78 8.09
N GLY A 187 5.32 22.40 7.67
CA GLY A 187 4.83 22.75 6.34
C GLY A 187 5.13 21.67 5.32
N ASN A 188 4.41 21.73 4.21
CA ASN A 188 4.55 20.79 3.11
C ASN A 188 4.86 21.57 1.83
N PRO A 189 6.13 21.59 1.41
CA PRO A 189 6.51 22.42 0.26
C PRO A 189 5.93 21.89 -1.05
N TRP A 190 5.53 20.62 -1.07
CA TRP A 190 5.07 19.97 -2.29
C TRP A 190 3.64 20.31 -2.69
N GLU A 191 2.78 20.61 -1.71
CA GLU A 191 1.38 20.90 -2.00
C GLU A 191 1.14 22.37 -2.36
N LYS A 192 0.07 22.60 -3.13
CA LYS A 192 -0.45 23.95 -3.36
C LYS A 192 -1.93 23.99 -2.99
N ALA A 193 -2.26 24.79 -1.99
CA ALA A 193 -3.65 25.02 -1.60
C ALA A 193 -4.39 25.71 -2.72
N ARG A 194 -5.60 25.26 -3.00
CA ARG A 194 -6.44 25.86 -4.02
C ARG A 194 -7.79 26.29 -3.42
N PRO A 195 -7.77 27.25 -2.46
CA PRO A 195 -9.02 27.64 -1.78
C PRO A 195 -10.08 28.19 -2.74
N GLU A 196 -9.64 28.71 -3.88
CA GLU A 196 -10.54 29.22 -4.91
C GLU A 196 -11.44 28.13 -5.51
N PHE A 197 -11.04 26.87 -5.37
CA PHE A 197 -11.81 25.75 -5.93
C PHE A 197 -12.56 24.92 -4.87
N THR A 198 -12.84 25.56 -3.75
CA THR A 198 -13.58 24.96 -2.65
C THR A 198 -15.01 24.62 -3.08
N LEU A 199 -15.49 23.45 -2.69
CA LEU A 199 -16.80 22.94 -3.10
C LEU A 199 -17.64 22.51 -1.89
N PRO A 200 -18.98 22.66 -1.98
CA PRO A 200 -19.83 22.24 -0.85
C PRO A 200 -20.16 20.75 -0.87
N VAL A 201 -20.20 20.14 0.31
CA VAL A 201 -20.61 18.75 0.49
C VAL A 201 -21.75 18.72 1.51
N HIS A 202 -22.81 17.96 1.21
CA HIS A 202 -24.03 17.93 2.04
C HIS A 202 -24.17 16.68 2.90
N PHE A 203 -24.68 16.88 4.11
CA PHE A 203 -24.91 15.78 5.05
C PHE A 203 -26.29 15.94 5.72
N TYR A 204 -26.86 14.81 6.16
CA TYR A 204 -28.14 14.78 6.88
C TYR A 204 -29.30 15.26 6.00
N GLY A 205 -30.15 16.10 6.56
CA GLY A 205 -31.31 16.61 5.84
C GLY A 205 -32.39 15.55 5.66
N ARG A 206 -33.25 15.76 4.65
CA ARG A 206 -34.36 14.85 4.38
C ARG A 206 -34.70 14.92 2.91
N VAL A 207 -35.48 13.94 2.44
CA VAL A 207 -35.87 13.88 1.03
C VAL A 207 -37.30 14.41 0.84
N GLU A 208 -37.44 15.35 -0.09
CA GLU A 208 -38.71 15.96 -0.43
C GLU A 208 -39.10 15.52 -1.83
N HIS A 209 -40.32 15.01 -1.98
CA HIS A 209 -40.81 14.60 -3.29
C HIS A 209 -41.73 15.67 -3.88
N THR A 210 -41.25 16.32 -4.93
CA THR A 210 -42.04 17.31 -5.66
C THR A 210 -42.61 16.68 -6.93
N SER A 211 -43.48 17.41 -7.61
CA SER A 211 -44.00 16.99 -8.92
C SER A 211 -42.85 16.84 -9.92
N GLN A 212 -41.81 17.66 -9.75
CA GLN A 212 -40.65 17.66 -10.63
C GLN A 212 -39.46 16.88 -10.05
N GLY A 213 -39.74 15.72 -9.45
CA GLY A 213 -38.69 14.83 -8.94
C GLY A 213 -38.34 14.99 -7.47
N ALA A 214 -37.36 14.21 -7.00
CA ALA A 214 -36.91 14.24 -5.61
C ALA A 214 -35.94 15.39 -5.33
N LYS A 215 -35.93 15.86 -4.09
CA LYS A 215 -35.09 16.98 -3.69
C LYS A 215 -34.55 16.75 -2.28
N TRP A 216 -33.25 16.93 -2.12
CA TRP A 216 -32.56 16.72 -0.84
C TRP A 216 -32.36 18.08 -0.16
N VAL A 217 -33.06 18.28 0.95
CA VAL A 217 -33.17 19.61 1.59
C VAL A 217 -32.82 19.56 3.07
N ASP A 218 -32.66 20.74 3.67
CA ASP A 218 -32.36 20.91 5.10
C ASP A 218 -31.04 20.26 5.50
N THR A 219 -30.08 20.27 4.59
CA THR A 219 -28.79 19.63 4.83
C THR A 219 -27.84 20.53 5.61
N GLN A 220 -26.87 19.92 6.27
CA GLN A 220 -25.72 20.62 6.80
C GLN A 220 -24.65 20.64 5.74
N VAL A 221 -23.99 21.79 5.57
CA VAL A 221 -22.96 21.97 4.56
C VAL A 221 -21.57 21.91 5.19
N VAL A 222 -20.69 21.09 4.63
CA VAL A 222 -19.26 21.11 4.94
C VAL A 222 -18.52 21.44 3.64
N LEU A 223 -17.52 22.33 3.72
CA LEU A 223 -16.77 22.71 2.54
C LEU A 223 -15.57 21.78 2.32
N ALA A 224 -15.30 21.49 1.06
CA ALA A 224 -14.15 20.69 0.67
C ALA A 224 -13.13 21.56 -0.06
N MET A 225 -11.99 21.78 0.59
CA MET A 225 -10.92 22.61 0.01
C MET A 225 -9.84 21.72 -0.57
N PRO A 226 -9.53 21.89 -1.88
CA PRO A 226 -8.54 21.01 -2.48
C PRO A 226 -7.10 21.50 -2.29
N TYR A 227 -6.18 20.55 -2.11
CA TYR A 227 -4.74 20.79 -2.13
C TYR A 227 -4.15 19.91 -3.22
N ASP A 228 -3.40 20.51 -4.14
CA ASP A 228 -2.83 19.79 -5.28
C ASP A 228 -1.34 19.49 -5.08
N THR A 229 -0.97 18.24 -5.33
CA THR A 229 0.41 17.78 -5.29
C THR A 229 0.81 17.27 -6.66
N PRO A 230 1.99 17.67 -7.18
CA PRO A 230 2.44 17.20 -8.48
C PRO A 230 2.94 15.76 -8.46
N VAL A 231 2.68 15.03 -9.53
CA VAL A 231 3.11 13.65 -9.69
C VAL A 231 3.92 13.54 -10.99
N PRO A 232 5.26 13.59 -10.89
CA PRO A 232 6.08 13.59 -12.11
C PRO A 232 6.26 12.18 -12.69
N GLY A 233 6.09 12.05 -14.00
CA GLY A 233 6.44 10.81 -14.70
C GLY A 233 7.96 10.68 -14.83
N TYR A 234 8.43 9.48 -15.15
CA TYR A 234 9.87 9.26 -15.28
C TYR A 234 10.43 9.85 -16.57
N ARG A 235 11.07 11.01 -16.44
CA ARG A 235 11.79 11.69 -17.53
C ARG A 235 11.01 11.87 -18.83
N ASN A 236 9.70 12.10 -18.70
CA ASN A 236 8.87 12.32 -19.86
C ASN A 236 8.20 13.70 -19.86
N ASN A 237 8.56 14.51 -18.86
CA ASN A 237 8.00 15.86 -18.67
C ASN A 237 6.49 15.89 -18.43
N VAL A 238 5.92 14.75 -18.11
CA VAL A 238 4.52 14.70 -17.70
C VAL A 238 4.47 14.91 -16.19
N VAL A 239 3.60 15.82 -15.75
CA VAL A 239 3.35 16.02 -14.32
C VAL A 239 1.84 16.04 -14.10
N ASN A 240 1.34 14.97 -13.48
CA ASN A 240 -0.07 14.83 -13.17
C ASN A 240 -0.37 15.38 -11.78
N THR A 241 -1.62 15.33 -11.37
CA THR A 241 -2.07 15.93 -10.11
C THR A 241 -2.65 14.89 -9.16
N MET A 242 -2.25 14.98 -7.90
CA MET A 242 -2.96 14.30 -6.83
C MET A 242 -3.71 15.40 -6.06
N ARG A 243 -5.04 15.33 -6.08
CA ARG A 243 -5.87 16.34 -5.41
C ARG A 243 -6.45 15.75 -4.12
N LEU A 244 -6.08 16.34 -2.99
CA LEU A 244 -6.55 15.88 -1.69
C LEU A 244 -7.43 16.92 -1.00
N TRP A 245 -8.60 16.49 -0.55
CA TRP A 245 -9.59 17.39 0.02
C TRP A 245 -9.39 17.61 1.53
N SER A 246 -9.56 18.86 1.95
CA SER A 246 -9.53 19.23 3.37
C SER A 246 -10.89 19.79 3.77
N ALA A 247 -11.39 19.40 4.94
CA ALA A 247 -12.73 19.82 5.41
C ALA A 247 -12.68 21.19 6.07
N LYS A 248 -13.59 22.07 5.65
CA LYS A 248 -13.72 23.41 6.25
C LYS A 248 -15.17 23.74 6.56
N ALA A 249 -15.39 24.41 7.69
CA ALA A 249 -16.74 24.86 8.06
C ALA A 249 -17.11 26.11 7.26
N PRO A 250 -18.40 26.26 6.89
CA PRO A 250 -18.82 27.53 6.27
C PRO A 250 -18.81 28.66 7.31
N ASN A 251 -18.72 29.91 6.85
CA ASN A 251 -18.54 31.07 7.74
C ASN A 251 -19.75 31.45 8.60
N ASP A 252 -20.94 31.13 8.12
CA ASP A 252 -22.17 31.34 8.90
C ASP A 252 -22.45 30.16 9.82
N GLY A 262 -23.62 30.75 22.71
CA GLY A 262 -22.82 31.98 22.65
C GLY A 262 -22.05 32.09 21.33
N TYR A 263 -21.62 33.32 21.01
CA TYR A 263 -20.84 33.56 19.79
C TYR A 263 -19.54 32.76 19.82
N ILE A 264 -18.86 32.78 20.96
CA ILE A 264 -17.59 32.06 21.14
C ILE A 264 -17.75 30.56 20.85
N GLN A 265 -18.79 29.96 21.43
CA GLN A 265 -19.08 28.54 21.25
C GLN A 265 -19.28 28.14 19.80
N ALA A 266 -20.07 28.93 19.07
CA ALA A 266 -20.35 28.69 17.65
C ALA A 266 -19.06 28.64 16.80
N VAL A 267 -18.13 29.55 17.11
CA VAL A 267 -16.84 29.56 16.43
C VAL A 267 -16.02 28.32 16.80
N LEU A 268 -16.00 27.97 18.09
CA LEU A 268 -15.26 26.80 18.55
C LEU A 268 -15.83 25.49 18.02
N ASP A 269 -17.13 25.48 17.75
CA ASP A 269 -17.80 24.27 17.25
C ASP A 269 -17.54 23.97 15.78
N ARG A 270 -16.84 24.87 15.09
CA ARG A 270 -16.41 24.65 13.71
C ARG A 270 -15.55 23.39 13.57
N ASN A 271 -14.86 23.04 14.66
CA ASN A 271 -14.04 21.83 14.75
C ASN A 271 -14.81 20.55 14.42
N LEU A 272 -16.10 20.53 14.74
CA LEU A 272 -16.95 19.38 14.45
C LEU A 272 -17.00 19.05 12.96
N ALA A 273 -17.10 20.06 12.12
CA ALA A 273 -17.09 19.88 10.66
C ALA A 273 -15.69 19.51 10.17
N GLU A 274 -14.67 20.14 10.73
CA GLU A 274 -13.31 20.00 10.22
C GLU A 274 -12.64 18.71 10.69
N ASN A 275 -13.28 18.03 11.65
CA ASN A 275 -12.84 16.70 12.10
C ASN A 275 -12.86 15.64 11.01
N ILE A 276 -13.62 15.86 9.95
CA ILE A 276 -13.75 14.91 8.84
C ILE A 276 -12.38 14.56 8.23
N SER A 277 -11.53 15.56 8.06
CA SER A 277 -10.20 15.34 7.47
C SER A 277 -9.05 15.32 8.48
N ARG A 278 -9.36 15.10 9.76
CA ARG A 278 -8.35 15.21 10.81
C ARG A 278 -7.37 14.04 10.84
N VAL A 279 -7.90 12.82 10.76
CA VAL A 279 -7.07 11.63 11.03
C VAL A 279 -7.41 10.41 10.14
N LEU A 280 -6.36 9.74 9.69
CA LEU A 280 -6.48 8.48 8.97
C LEU A 280 -6.93 7.39 9.93
N TYR A 281 -7.98 6.66 9.56
CA TYR A 281 -8.39 5.48 10.32
C TYR A 281 -7.36 4.37 10.16
N PRO A 282 -6.78 3.91 11.28
CA PRO A 282 -5.66 2.96 11.28
C PRO A 282 -6.08 1.49 11.40
N ASN A 283 -7.38 1.23 11.38
CA ASN A 283 -7.90 -0.12 11.57
C ASN A 283 -7.92 -0.88 10.24
N ASP A 284 -6.94 -1.75 10.04
CA ASP A 284 -6.83 -2.50 8.79
C ASP A 284 -7.12 -4.00 9.00
N ASN A 285 -7.89 -4.33 10.03
CA ASN A 285 -8.26 -5.74 10.26
C ASN A 285 -9.76 -6.03 10.31
N PHE A 286 -10.55 -5.06 10.76
CA PHE A 286 -11.94 -5.28 11.14
C PHE A 286 -12.78 -4.07 10.74
N PHE A 287 -13.88 -4.30 10.00
CA PHE A 287 -14.78 -3.20 9.67
C PHE A 287 -15.52 -2.70 10.90
N GLU A 288 -15.33 -1.41 11.22
CA GLU A 288 -16.13 -0.73 12.22
C GLU A 288 -17.02 0.27 11.51
N GLY A 289 -18.33 0.13 11.71
CA GLY A 289 -19.29 1.08 11.16
C GLY A 289 -19.34 2.37 11.95
N LYS A 290 -18.24 3.11 11.96
CA LYS A 290 -18.19 4.39 12.67
C LYS A 290 -18.69 5.50 11.75
N GLU A 291 -19.51 6.39 12.31
CA GLU A 291 -20.09 7.50 11.55
C GLU A 291 -19.05 8.41 10.92
N LEU A 292 -17.99 8.73 11.65
CA LEU A 292 -16.94 9.60 11.14
C LEU A 292 -16.29 9.02 9.87
N ARG A 293 -16.09 7.70 9.85
CA ARG A 293 -15.56 7.01 8.67
C ARG A 293 -16.50 7.12 7.46
N LEU A 294 -17.79 6.97 7.69
CA LEU A 294 -18.77 7.11 6.63
C LEU A 294 -18.76 8.53 6.07
N LYS A 295 -18.65 9.51 6.97
CA LYS A 295 -18.55 10.91 6.56
C LYS A 295 -17.32 11.13 5.68
N GLN A 296 -16.18 10.53 6.06
CA GLN A 296 -14.95 10.63 5.27
C GLN A 296 -15.16 10.07 3.87
N GLU A 297 -15.79 8.90 3.79
CA GLU A 297 -16.05 8.24 2.53
C GLU A 297 -16.94 9.05 1.61
N TYR A 298 -17.99 9.67 2.16
CA TYR A 298 -18.87 10.47 1.33
C TYR A 298 -18.21 11.80 0.92
N PHE A 299 -17.50 12.40 1.87
CA PHE A 299 -16.79 13.65 1.65
C PHE A 299 -15.90 13.59 0.42
N VAL A 300 -15.05 12.58 0.33
CA VAL A 300 -14.12 12.45 -0.80
C VAL A 300 -14.91 12.24 -2.11
N VAL A 301 -15.95 11.42 -2.04
CA VAL A 301 -16.78 11.06 -3.18
C VAL A 301 -17.57 12.25 -3.74
N ALA A 302 -18.22 13.01 -2.86
CA ALA A 302 -19.08 14.10 -3.30
C ALA A 302 -18.29 15.25 -3.90
N ALA A 303 -17.17 15.60 -3.26
CA ALA A 303 -16.31 16.66 -3.77
C ALA A 303 -15.64 16.28 -5.11
N THR A 304 -15.10 15.06 -5.18
CA THR A 304 -14.47 14.53 -6.40
C THR A 304 -15.43 14.52 -7.59
N LEU A 305 -16.65 14.01 -7.38
CA LEU A 305 -17.62 13.92 -8.47
C LEU A 305 -18.04 15.28 -9.05
N GLN A 306 -18.16 16.30 -8.21
CA GLN A 306 -18.39 17.68 -8.68
C GLN A 306 -17.25 18.17 -9.59
N ASP A 307 -16.02 17.88 -9.19
CA ASP A 307 -14.84 18.18 -10.02
C ASP A 307 -14.88 17.47 -11.37
N ILE A 308 -15.17 16.17 -11.33
CA ILE A 308 -15.24 15.35 -12.56
C ILE A 308 -16.26 15.94 -13.53
N ILE A 309 -17.43 16.30 -13.01
CA ILE A 309 -18.53 16.79 -13.82
C ILE A 309 -18.21 18.18 -14.39
N ARG A 310 -17.70 19.08 -13.55
CA ARG A 310 -17.24 20.40 -13.99
C ARG A 310 -16.28 20.28 -15.18
N ARG A 311 -15.26 19.44 -15.02
CA ARG A 311 -14.22 19.25 -16.02
C ARG A 311 -14.79 18.66 -17.32
N PHE A 312 -15.77 17.76 -17.18
CA PHE A 312 -16.48 17.18 -18.32
C PHE A 312 -17.34 18.20 -19.06
N LYS A 313 -18.01 19.09 -18.33
CA LYS A 313 -18.89 20.10 -18.92
C LYS A 313 -18.14 21.18 -19.69
N SER A 314 -16.83 21.27 -19.48
CA SER A 314 -15.99 22.23 -20.19
C SER A 314 -15.47 21.70 -21.53
N SER A 315 -15.77 20.43 -21.82
CA SER A 315 -15.41 19.82 -23.09
C SER A 315 -16.32 20.33 -24.22
N THR A 325 -25.06 19.77 -23.04
CA THR A 325 -24.45 18.78 -22.14
C THR A 325 -25.14 17.42 -22.27
N ASN A 326 -24.67 16.63 -23.24
CA ASN A 326 -25.20 15.28 -23.43
C ASN A 326 -24.31 14.24 -22.75
N PHE A 327 -24.89 13.54 -21.78
CA PHE A 327 -24.12 12.62 -20.94
C PHE A 327 -23.86 11.25 -21.57
N ASP A 328 -24.27 11.07 -22.82
CA ASP A 328 -23.97 9.85 -23.58
C ASP A 328 -22.47 9.61 -23.73
N ALA A 329 -21.72 10.71 -23.86
CA ALA A 329 -20.27 10.64 -24.06
C ALA A 329 -19.48 10.61 -22.74
N PHE A 330 -20.19 10.72 -21.62
CA PHE A 330 -19.56 10.73 -20.29
C PHE A 330 -18.57 9.56 -20.09
N PRO A 331 -19.00 8.30 -20.37
CA PRO A 331 -18.09 7.16 -20.20
C PRO A 331 -16.94 7.14 -21.21
N ASP A 332 -17.07 7.88 -22.31
CA ASP A 332 -15.98 8.00 -23.29
C ASP A 332 -14.93 9.01 -22.85
N LYS A 333 -15.27 9.85 -21.87
CA LYS A 333 -14.39 10.91 -21.41
C LYS A 333 -13.95 10.73 -19.96
N VAL A 334 -14.62 9.83 -19.24
CA VAL A 334 -14.38 9.61 -17.81
C VAL A 334 -14.29 8.14 -17.45
N ALA A 335 -13.25 7.78 -16.72
CA ALA A 335 -13.19 6.50 -16.02
C ALA A 335 -12.97 6.75 -14.52
N ILE A 336 -13.75 6.08 -13.70
CA ILE A 336 -13.59 6.15 -12.24
C ILE A 336 -13.21 4.78 -11.69
N GLN A 337 -12.03 4.71 -11.07
CA GLN A 337 -11.56 3.48 -10.45
C GLN A 337 -11.69 3.57 -8.95
N LEU A 338 -12.41 2.60 -8.38
CA LEU A 338 -12.66 2.56 -6.94
C LEU A 338 -11.65 1.63 -6.29
N ASN A 339 -10.78 2.20 -5.46
CA ASN A 339 -9.80 1.43 -4.71
C ASN A 339 -10.47 0.84 -3.47
N ASP A 340 -10.89 -0.43 -3.57
CA ASP A 340 -11.71 -1.09 -2.55
C ASP A 340 -13.11 -0.47 -2.55
N THR A 341 -13.94 -0.84 -1.57
CA THR A 341 -15.31 -0.32 -1.50
C THR A 341 -15.36 1.02 -0.79
N HIS A 342 -14.21 1.50 -0.31
CA HIS A 342 -14.18 2.73 0.49
C HIS A 342 -14.84 3.93 -0.22
N PRO A 343 -14.59 4.10 -1.54
CA PRO A 343 -15.31 5.15 -2.25
C PRO A 343 -16.55 4.66 -3.01
N SER A 344 -17.15 3.56 -2.57
CA SER A 344 -18.29 2.95 -3.27
C SER A 344 -19.51 3.87 -3.41
N LEU A 345 -19.64 4.84 -2.51
CA LEU A 345 -20.74 5.81 -2.59
C LEU A 345 -20.70 6.64 -3.87
N ALA A 346 -19.59 6.58 -4.61
CA ALA A 346 -19.50 7.17 -5.95
C ALA A 346 -20.63 6.68 -6.85
N ILE A 347 -21.00 5.42 -6.71
CA ILE A 347 -22.05 4.83 -7.55
C ILE A 347 -23.44 5.48 -7.32
N PRO A 348 -23.95 5.49 -6.08
CA PRO A 348 -25.22 6.20 -5.89
C PRO A 348 -25.12 7.74 -5.99
N GLU A 349 -23.95 8.31 -5.70
CA GLU A 349 -23.76 9.75 -5.86
C GLU A 349 -23.83 10.18 -7.33
N LEU A 350 -23.18 9.42 -8.22
CA LEU A 350 -23.28 9.69 -9.65
C LEU A 350 -24.74 9.58 -10.11
N MET A 351 -25.45 8.55 -9.65
CA MET A 351 -26.88 8.41 -9.95
C MET A 351 -27.69 9.60 -9.44
N ARG A 352 -27.42 10.02 -8.20
CA ARG A 352 -28.10 11.16 -7.60
C ARG A 352 -27.96 12.41 -8.46
N VAL A 353 -26.73 12.73 -8.84
CA VAL A 353 -26.45 13.91 -9.64
C VAL A 353 -27.12 13.81 -11.03
N LEU A 354 -26.98 12.65 -11.68
CA LEU A 354 -27.58 12.47 -13.01
C LEU A 354 -29.10 12.53 -13.01
N VAL A 355 -29.73 11.87 -12.04
CA VAL A 355 -31.20 11.81 -11.94
C VAL A 355 -31.82 13.07 -11.31
N ASP A 356 -31.35 13.44 -10.13
CA ASP A 356 -31.93 14.56 -9.37
C ASP A 356 -31.55 15.94 -9.89
N LEU A 357 -30.32 16.08 -10.38
CA LEU A 357 -29.83 17.41 -10.74
C LEU A 357 -29.83 17.65 -12.25
N GLU A 358 -29.37 16.65 -13.02
CA GLU A 358 -29.31 16.77 -14.48
C GLU A 358 -30.58 16.29 -15.19
N ARG A 359 -31.47 15.66 -14.44
CA ARG A 359 -32.81 15.26 -14.92
C ARG A 359 -32.79 14.16 -15.99
N LEU A 360 -31.79 13.28 -15.94
CA LEU A 360 -31.76 12.12 -16.81
C LEU A 360 -32.68 11.05 -16.26
N ASP A 361 -33.27 10.26 -17.15
CA ASP A 361 -34.10 9.14 -16.71
C ASP A 361 -33.20 8.06 -16.09
N TRP A 362 -33.78 7.24 -15.23
CA TRP A 362 -33.04 6.23 -14.47
C TRP A 362 -32.17 5.33 -15.34
N ASP A 363 -32.80 4.68 -16.33
CA ASP A 363 -32.12 3.68 -17.14
C ASP A 363 -30.90 4.23 -17.88
N LYS A 364 -31.00 5.47 -18.36
CA LYS A 364 -29.91 6.11 -19.07
C LYS A 364 -28.75 6.44 -18.11
N ALA A 365 -29.11 7.02 -16.97
CA ALA A 365 -28.14 7.33 -15.91
C ALA A 365 -27.40 6.08 -15.43
N TRP A 366 -28.13 4.98 -15.28
CA TRP A 366 -27.53 3.71 -14.84
C TRP A 366 -26.54 3.17 -15.86
N GLU A 367 -26.89 3.27 -17.14
CA GLU A 367 -26.01 2.86 -18.22
C GLU A 367 -24.70 3.63 -18.15
N VAL A 368 -24.80 4.95 -17.99
CA VAL A 368 -23.64 5.83 -17.86
C VAL A 368 -22.79 5.46 -16.63
N THR A 369 -23.45 5.27 -15.50
CA THR A 369 -22.76 4.96 -14.24
C THR A 369 -21.95 3.67 -14.35
N VAL A 370 -22.60 2.59 -14.80
CA VAL A 370 -21.94 1.28 -14.96
C VAL A 370 -20.72 1.36 -15.88
N LYS A 371 -20.87 2.01 -17.02
CA LYS A 371 -19.78 2.16 -18.00
C LYS A 371 -18.62 3.02 -17.49
N THR A 372 -18.91 3.86 -16.50
CA THR A 372 -17.90 4.76 -15.94
C THR A 372 -17.09 4.11 -14.81
N CYS A 373 -17.76 3.33 -13.97
CA CYS A 373 -17.14 2.82 -12.74
C CYS A 373 -16.53 1.42 -12.85
N ALA A 374 -15.44 1.22 -12.11
CA ALA A 374 -14.78 -0.08 -11.98
C ALA A 374 -14.28 -0.25 -10.55
N TYR A 375 -14.27 -1.50 -10.08
CA TYR A 375 -14.03 -1.79 -8.68
C TYR A 375 -12.92 -2.82 -8.50
N THR A 376 -11.97 -2.50 -7.62
CA THR A 376 -10.88 -3.40 -7.26
C THR A 376 -11.05 -3.91 -5.83
N ASN A 377 -11.02 -5.24 -5.68
CA ASN A 377 -11.12 -5.90 -4.38
C ASN A 377 -9.73 -6.28 -3.87
N HIS A 378 -9.52 -6.18 -2.56
CA HIS A 378 -8.21 -6.39 -1.96
C HIS A 378 -8.13 -7.48 -0.86
N THR A 379 -9.25 -8.14 -0.56
CA THR A 379 -9.27 -9.21 0.46
C THR A 379 -10.56 -10.03 0.41
N VAL A 380 -10.46 -11.32 0.73
CA VAL A 380 -11.61 -12.23 0.79
C VAL A 380 -12.06 -12.46 2.23
N ILE A 381 -11.30 -11.91 3.17
CA ILE A 381 -11.61 -12.03 4.59
C ILE A 381 -12.94 -11.32 4.91
N PRO A 382 -13.93 -12.06 5.46
CA PRO A 382 -15.29 -11.55 5.63
C PRO A 382 -15.42 -10.36 6.58
N GLU A 383 -14.58 -10.32 7.62
CA GLU A 383 -14.64 -9.23 8.60
C GLU A 383 -14.14 -7.87 8.06
N ALA A 384 -13.56 -7.91 6.87
CA ALA A 384 -13.07 -6.70 6.21
C ALA A 384 -14.14 -6.03 5.34
N LEU A 385 -15.18 -6.78 4.99
CA LEU A 385 -16.25 -6.26 4.14
C LEU A 385 -17.01 -5.11 4.80
N GLU A 386 -17.19 -4.02 4.05
CA GLU A 386 -17.97 -2.88 4.51
C GLU A 386 -19.45 -3.18 4.41
N ARG A 387 -20.10 -3.29 5.56
CA ARG A 387 -21.52 -3.57 5.62
C ARG A 387 -22.16 -2.53 6.53
N TRP A 388 -22.59 -1.41 5.94
CA TRP A 388 -23.07 -0.26 6.70
C TRP A 388 -24.50 -0.47 7.20
N PRO A 389 -24.73 -0.23 8.51
CA PRO A 389 -26.08 -0.27 9.07
C PRO A 389 -27.00 0.71 8.35
N VAL A 390 -28.18 0.23 7.98
CA VAL A 390 -29.19 1.05 7.30
C VAL A 390 -29.55 2.32 8.07
N HIS A 391 -29.64 2.23 9.40
CA HIS A 391 -30.01 3.37 10.24
C HIS A 391 -29.03 4.53 10.15
N LEU A 392 -27.77 4.21 9.89
CA LEU A 392 -26.72 5.22 9.73
C LEU A 392 -26.87 5.97 8.40
N LEU A 393 -27.07 5.22 7.31
CA LEU A 393 -27.27 5.83 6.00
C LEU A 393 -28.56 6.63 5.92
N GLU A 394 -29.58 6.14 6.63
CA GLU A 394 -30.89 6.79 6.69
C GLU A 394 -30.77 8.21 7.26
N THR A 395 -30.02 8.33 8.35
CA THR A 395 -29.78 9.63 8.99
C THR A 395 -28.83 10.49 8.18
N LEU A 396 -27.70 9.91 7.76
CA LEU A 396 -26.64 10.72 7.17
C LEU A 396 -26.88 11.04 5.70
N LEU A 397 -27.36 10.07 4.93
CA LEU A 397 -27.47 10.18 3.49
C LEU A 397 -28.80 9.62 2.99
N PRO A 398 -29.93 10.25 3.40
CA PRO A 398 -31.24 9.65 3.15
C PRO A 398 -31.55 9.45 1.66
N ARG A 399 -31.11 10.36 0.80
CA ARG A 399 -31.33 10.22 -0.63
C ARG A 399 -30.55 9.04 -1.23
N HIS A 400 -29.32 8.83 -0.75
CA HIS A 400 -28.49 7.72 -1.22
C HIS A 400 -29.08 6.35 -0.86
N LEU A 401 -29.66 6.24 0.32
CA LEU A 401 -30.32 4.99 0.72
C LEU A 401 -31.50 4.66 -0.20
N GLN A 402 -32.29 5.66 -0.55
CA GLN A 402 -33.40 5.47 -1.48
C GLN A 402 -32.88 4.97 -2.84
N ILE A 403 -31.80 5.58 -3.30
CA ILE A 403 -31.19 5.20 -4.57
C ILE A 403 -30.62 3.78 -4.51
N ILE A 404 -30.01 3.43 -3.39
CA ILE A 404 -29.49 2.07 -3.17
C ILE A 404 -30.62 1.02 -3.21
N TYR A 405 -31.74 1.34 -2.57
CA TYR A 405 -32.90 0.44 -2.57
C TYR A 405 -33.42 0.17 -3.98
N GLU A 406 -33.51 1.24 -4.77
CA GLU A 406 -33.94 1.17 -6.16
C GLU A 406 -32.97 0.37 -7.03
N ILE A 407 -31.66 0.59 -6.82
CA ILE A 407 -30.63 -0.19 -7.50
C ILE A 407 -30.83 -1.67 -7.20
N ASN A 408 -31.04 -1.98 -5.92
CA ASN A 408 -31.21 -3.36 -5.46
C ASN A 408 -32.41 -4.07 -6.09
N GLN A 409 -33.57 -3.40 -6.06
CA GLN A 409 -34.79 -3.93 -6.65
C GLN A 409 -34.62 -4.28 -8.13
N ARG A 410 -34.07 -3.35 -8.91
CA ARG A 410 -33.85 -3.57 -10.34
C ARG A 410 -32.82 -4.65 -10.62
N PHE A 411 -31.79 -4.74 -9.77
CA PHE A 411 -30.77 -5.77 -9.88
C PHE A 411 -31.36 -7.15 -9.58
N LEU A 412 -32.16 -7.24 -8.52
CA LEU A 412 -32.76 -8.49 -8.10
C LEU A 412 -33.83 -8.98 -9.08
N ASN A 413 -34.49 -8.05 -9.78
CA ASN A 413 -35.39 -8.40 -10.87
C ASN A 413 -34.64 -9.10 -11.99
N ARG A 414 -33.41 -8.65 -12.26
CA ARG A 414 -32.57 -9.27 -13.27
C ARG A 414 -32.08 -10.65 -12.86
N VAL A 415 -31.77 -10.82 -11.57
CA VAL A 415 -31.36 -12.11 -11.03
C VAL A 415 -32.52 -13.11 -11.15
N ALA A 416 -33.72 -12.66 -10.75
CA ALA A 416 -34.94 -13.47 -10.81
C ALA A 416 -35.27 -13.96 -12.21
N ALA A 417 -35.08 -13.09 -13.21
CA ALA A 417 -35.30 -13.44 -14.61
C ALA A 417 -34.27 -14.42 -15.15
N ALA A 418 -33.03 -14.32 -14.65
CA ALA A 418 -31.94 -15.19 -15.10
C ALA A 418 -31.96 -16.56 -14.42
N PHE A 419 -32.37 -16.59 -13.16
CA PHE A 419 -32.40 -17.83 -12.39
C PHE A 419 -33.76 -18.00 -11.72
N PRO A 420 -34.83 -18.26 -12.51
CA PRO A 420 -36.20 -18.26 -11.99
C PRO A 420 -36.39 -19.29 -10.88
N GLY A 421 -37.00 -18.85 -9.78
CA GLY A 421 -37.31 -19.74 -8.66
C GLY A 421 -36.19 -19.99 -7.67
N ASP A 422 -35.00 -19.45 -7.95
CA ASP A 422 -33.85 -19.60 -7.07
C ASP A 422 -33.89 -18.53 -5.98
N VAL A 423 -34.71 -18.79 -4.95
CA VAL A 423 -34.93 -17.83 -3.88
C VAL A 423 -33.72 -17.62 -2.98
N ASP A 424 -32.91 -18.67 -2.81
CA ASP A 424 -31.69 -18.57 -2.00
C ASP A 424 -30.68 -17.62 -2.66
N ARG A 425 -30.58 -17.67 -3.98
CA ARG A 425 -29.72 -16.77 -4.74
C ARG A 425 -30.11 -15.31 -4.50
N LEU A 426 -31.41 -15.03 -4.51
CA LEU A 426 -31.93 -13.68 -4.31
C LEU A 426 -31.51 -13.08 -2.98
N ARG A 427 -31.60 -13.85 -1.90
CA ARG A 427 -31.15 -13.35 -0.60
C ARG A 427 -29.62 -13.22 -0.52
N ARG A 428 -28.89 -14.12 -1.19
CA ARG A 428 -27.42 -14.09 -1.18
C ARG A 428 -26.85 -12.91 -1.96
N MET A 429 -27.53 -12.51 -3.02
CA MET A 429 -27.02 -11.47 -3.93
C MET A 429 -27.52 -10.07 -3.62
N SER A 430 -28.54 -9.98 -2.75
CA SER A 430 -29.13 -8.70 -2.37
C SER A 430 -28.06 -7.73 -1.83
N LEU A 431 -28.24 -6.45 -2.12
CA LEU A 431 -27.36 -5.43 -1.57
C LEU A 431 -27.74 -5.18 -0.11
N VAL A 432 -29.00 -5.50 0.21
CA VAL A 432 -29.53 -5.35 1.56
C VAL A 432 -29.42 -6.69 2.30
N GLU A 433 -28.71 -6.68 3.41
CA GLU A 433 -28.59 -7.87 4.25
C GLU A 433 -29.54 -7.81 5.43
N GLU A 434 -30.27 -8.92 5.64
CA GLU A 434 -31.25 -9.03 6.73
C GLU A 434 -30.61 -9.47 8.03
N GLY A 435 -31.34 -9.32 9.13
CA GLY A 435 -30.86 -9.72 10.46
C GLY A 435 -31.34 -8.78 11.53
N ALA A 436 -30.73 -8.88 12.72
CA ALA A 436 -31.08 -8.01 13.85
C ALA A 436 -30.93 -6.53 13.49
N VAL A 437 -29.82 -6.21 12.81
CA VAL A 437 -29.65 -4.90 12.18
C VAL A 437 -29.49 -5.07 10.67
N LYS A 438 -30.28 -4.33 9.89
CA LYS A 438 -30.18 -4.36 8.44
C LYS A 438 -28.92 -3.62 7.99
N ARG A 439 -28.22 -4.18 7.00
CA ARG A 439 -26.98 -3.58 6.49
C ARG A 439 -26.97 -3.51 4.97
N ILE A 440 -26.21 -2.56 4.43
CA ILE A 440 -25.94 -2.52 3.00
C ILE A 440 -24.56 -3.12 2.73
N ASN A 441 -24.50 -4.12 1.86
CA ASN A 441 -23.23 -4.71 1.45
C ASN A 441 -22.61 -3.87 0.33
N MET A 442 -21.53 -3.14 0.65
CA MET A 442 -20.96 -2.20 -0.31
C MET A 442 -20.24 -2.90 -1.46
N ALA A 443 -19.76 -4.12 -1.21
CA ALA A 443 -19.13 -4.94 -2.26
C ALA A 443 -20.15 -5.36 -3.32
N HIS A 444 -21.35 -5.73 -2.89
CA HIS A 444 -22.43 -6.08 -3.80
C HIS A 444 -22.86 -4.85 -4.60
N LEU A 445 -22.93 -3.69 -3.94
CA LEU A 445 -23.21 -2.43 -4.63
C LEU A 445 -22.17 -2.16 -5.73
N CYS A 446 -20.89 -2.36 -5.42
CA CYS A 446 -19.80 -2.14 -6.37
C CYS A 446 -19.87 -3.05 -7.61
N ILE A 447 -20.19 -4.32 -7.40
CA ILE A 447 -20.31 -5.27 -8.51
C ILE A 447 -21.47 -4.91 -9.44
N ALA A 448 -22.63 -4.59 -8.85
CA ALA A 448 -23.81 -4.19 -9.61
C ALA A 448 -23.58 -2.93 -10.45
N GLY A 449 -22.87 -1.95 -9.87
CA GLY A 449 -22.69 -0.65 -10.50
C GLY A 449 -21.41 -0.42 -11.28
N SER A 450 -20.63 -1.48 -11.51
CA SER A 450 -19.35 -1.39 -12.23
C SER A 450 -19.32 -2.32 -13.45
N HIS A 451 -18.70 -1.86 -14.53
CA HIS A 451 -18.51 -2.70 -15.72
C HIS A 451 -17.33 -3.68 -15.57
N ALA A 452 -16.50 -3.46 -14.55
CA ALA A 452 -15.34 -4.32 -14.31
C ALA A 452 -15.07 -4.48 -12.83
N VAL A 453 -14.80 -5.72 -12.43
CA VAL A 453 -14.41 -6.05 -11.07
C VAL A 453 -13.12 -6.86 -11.19
N ASN A 454 -12.08 -6.43 -10.49
CA ASN A 454 -10.82 -7.16 -10.53
C ASN A 454 -10.26 -7.53 -9.17
N GLY A 455 -9.63 -8.70 -9.12
CA GLY A 455 -8.75 -9.06 -8.03
C GLY A 455 -7.32 -8.65 -8.38
N VAL A 456 -6.41 -8.85 -7.45
CA VAL A 456 -5.08 -8.22 -7.54
C VAL A 456 -3.93 -9.22 -7.72
N ALA A 457 -4.29 -10.48 -7.93
CA ALA A 457 -3.35 -11.53 -8.32
C ALA A 457 -4.17 -12.72 -8.84
N ARG A 458 -3.60 -13.51 -9.72
CA ARG A 458 -4.35 -14.57 -10.43
C ARG A 458 -5.12 -15.49 -9.48
N ILE A 459 -4.45 -15.99 -8.44
CA ILE A 459 -5.07 -16.88 -7.47
C ILE A 459 -6.23 -16.20 -6.73
N HIS A 460 -6.06 -14.91 -6.42
CA HIS A 460 -7.05 -14.11 -5.74
C HIS A 460 -8.29 -13.91 -6.61
N SER A 461 -8.07 -13.53 -7.86
CA SER A 461 -9.15 -13.34 -8.81
C SER A 461 -9.94 -14.63 -9.05
N GLU A 462 -9.24 -15.76 -9.08
CA GLU A 462 -9.89 -17.07 -9.20
C GLU A 462 -10.77 -17.38 -7.99
N ILE A 463 -10.24 -17.16 -6.79
CA ILE A 463 -10.98 -17.35 -5.54
C ILE A 463 -12.25 -16.50 -5.48
N LEU A 464 -12.16 -15.26 -5.98
CA LEU A 464 -13.33 -14.38 -6.07
C LEU A 464 -14.45 -15.00 -6.90
N LYS A 465 -14.07 -15.62 -8.02
CA LYS A 465 -15.03 -16.22 -8.94
C LYS A 465 -15.60 -17.55 -8.42
N LYS A 466 -14.79 -18.24 -7.61
CA LYS A 466 -15.14 -19.57 -7.11
C LYS A 466 -15.91 -19.53 -5.79
N THR A 467 -15.69 -18.50 -4.98
CA THR A 467 -16.26 -18.46 -3.63
C THR A 467 -17.12 -17.23 -3.36
N ILE A 468 -16.49 -16.14 -2.92
CA ILE A 468 -17.22 -15.01 -2.37
C ILE A 468 -18.17 -14.30 -3.35
N PHE A 469 -17.79 -14.23 -4.63
CA PHE A 469 -18.61 -13.57 -5.64
C PHE A 469 -19.11 -14.52 -6.74
N LYS A 470 -19.13 -15.81 -6.42
CA LYS A 470 -19.57 -16.87 -7.34
C LYS A 470 -20.92 -16.55 -8.03
N ASP A 471 -21.92 -16.16 -7.25
CA ASP A 471 -23.25 -15.86 -7.78
C ASP A 471 -23.22 -14.75 -8.82
N PHE A 472 -22.44 -13.71 -8.53
CA PHE A 472 -22.26 -12.57 -9.42
C PHE A 472 -21.53 -12.94 -10.69
N TYR A 473 -20.54 -13.81 -10.57
CA TYR A 473 -19.79 -14.31 -11.74
C TYR A 473 -20.69 -15.12 -12.69
N GLU A 474 -21.61 -15.90 -12.12
CA GLU A 474 -22.56 -16.69 -12.92
C GLU A 474 -23.55 -15.80 -13.66
N LEU A 475 -23.93 -14.68 -13.05
CA LEU A 475 -24.83 -13.71 -13.70
C LEU A 475 -24.12 -12.88 -14.77
N GLU A 476 -22.92 -12.38 -14.47
CA GLU A 476 -22.20 -11.50 -15.39
C GLU A 476 -20.71 -11.85 -15.46
N PRO A 477 -20.38 -12.97 -16.14
CA PRO A 477 -18.99 -13.46 -16.21
C PRO A 477 -18.00 -12.45 -16.80
N HIS A 478 -18.47 -11.66 -17.76
CA HIS A 478 -17.66 -10.67 -18.46
C HIS A 478 -17.08 -9.56 -17.55
N LYS A 479 -17.70 -9.33 -16.41
CA LYS A 479 -17.28 -8.27 -15.49
C LYS A 479 -15.98 -8.58 -14.77
N PHE A 480 -15.70 -9.87 -14.59
CA PHE A 480 -14.63 -10.31 -13.71
C PHE A 480 -13.28 -10.45 -14.40
N GLN A 481 -12.29 -9.73 -13.86
CA GLN A 481 -10.94 -9.69 -14.42
C GLN A 481 -9.87 -9.90 -13.36
N ASN A 482 -8.65 -10.15 -13.80
CA ASN A 482 -7.47 -10.11 -12.94
C ASN A 482 -6.57 -8.97 -13.38
N LYS A 483 -6.02 -8.27 -12.39
CA LYS A 483 -4.93 -7.32 -12.62
C LYS A 483 -3.89 -7.55 -11.54
N THR A 484 -2.88 -8.36 -11.85
CA THR A 484 -1.84 -8.65 -10.87
C THR A 484 -1.11 -7.35 -10.52
N ASN A 485 -0.96 -7.13 -9.21
CA ASN A 485 -0.33 -5.94 -8.66
C ASN A 485 1.11 -5.79 -9.14
N GLY A 486 1.66 -4.60 -8.95
CA GLY A 486 3.05 -4.32 -9.25
C GLY A 486 3.56 -3.21 -8.37
N ILE A 487 4.84 -2.89 -8.50
CA ILE A 487 5.48 -1.81 -7.76
C ILE A 487 6.28 -0.96 -8.73
N THR A 488 6.49 0.30 -8.40
CA THR A 488 7.24 1.16 -9.30
C THR A 488 8.74 0.91 -9.17
N PRO A 489 9.42 0.63 -10.30
CA PRO A 489 10.85 0.39 -10.21
C PRO A 489 11.67 1.68 -10.03
N ARG A 490 11.03 2.85 -10.06
CA ARG A 490 11.72 4.10 -9.76
C ARG A 490 12.03 4.17 -8.26
N ARG A 491 10.99 4.20 -7.42
CA ARG A 491 11.18 4.21 -5.97
C ARG A 491 11.82 2.93 -5.46
N TRP A 492 11.38 1.78 -5.97
CA TRP A 492 11.74 0.49 -5.39
C TRP A 492 12.98 -0.19 -5.99
N LEU A 493 13.68 0.52 -6.86
CA LEU A 493 15.02 0.09 -7.28
C LEU A 493 16.01 1.26 -7.40
N VAL A 494 15.74 2.19 -8.33
CA VAL A 494 16.66 3.29 -8.61
C VAL A 494 16.91 4.18 -7.40
N LEU A 495 15.84 4.57 -6.73
CA LEU A 495 15.90 5.44 -5.57
C LEU A 495 16.52 4.76 -4.34
N CYS A 496 16.01 3.59 -3.97
CA CYS A 496 16.43 2.96 -2.73
C CYS A 496 17.68 2.07 -2.86
N ASN A 497 18.02 1.68 -4.08
CA ASN A 497 19.17 0.78 -4.31
C ASN A 497 19.99 1.22 -5.52
N PRO A 498 20.60 2.43 -5.44
CA PRO A 498 21.35 2.96 -6.59
C PRO A 498 22.50 2.04 -7.01
N GLY A 499 23.14 1.40 -6.04
CA GLY A 499 24.25 0.47 -6.31
C GLY A 499 23.87 -0.66 -7.24
N LEU A 500 22.68 -1.23 -7.03
CA LEU A 500 22.19 -2.32 -7.86
C LEU A 500 21.74 -1.78 -9.22
N ALA A 501 21.08 -0.63 -9.21
CA ALA A 501 20.64 -0.01 -10.45
C ALA A 501 21.83 0.25 -11.38
N GLU A 502 22.95 0.69 -10.81
CA GLU A 502 24.15 1.03 -11.58
C GLU A 502 24.82 -0.20 -12.21
N ILE A 503 25.06 -1.24 -11.41
CA ILE A 503 25.69 -2.46 -11.94
C ILE A 503 24.82 -3.15 -13.00
N ILE A 504 23.50 -2.99 -12.91
CA ILE A 504 22.60 -3.48 -13.95
C ILE A 504 22.73 -2.62 -15.22
N ALA A 505 22.75 -1.31 -15.04
CA ALA A 505 22.84 -0.37 -16.17
C ALA A 505 24.14 -0.51 -16.95
N GLU A 506 25.23 -0.82 -16.24
CA GLU A 506 26.53 -1.05 -16.86
C GLU A 506 26.44 -2.15 -17.92
N ARG A 507 25.66 -3.19 -17.63
CA ARG A 507 25.52 -4.33 -18.53
C ARG A 507 24.48 -4.12 -19.63
N ILE A 508 23.29 -3.65 -19.27
CA ILE A 508 22.17 -3.64 -20.22
C ILE A 508 21.62 -2.26 -20.57
N GLY A 509 22.23 -1.21 -20.01
CA GLY A 509 21.77 0.14 -20.28
C GLY A 509 20.69 0.60 -19.30
N GLU A 510 20.09 1.74 -19.59
CA GLU A 510 19.17 2.42 -18.67
C GLU A 510 17.70 2.25 -19.00
N GLU A 511 17.39 1.61 -20.13
CA GLU A 511 16.02 1.53 -20.63
C GLU A 511 15.09 0.65 -19.79
N TYR A 512 15.66 -0.24 -18.99
CA TYR A 512 14.86 -1.14 -18.14
C TYR A 512 14.06 -0.38 -17.09
N ILE A 513 14.54 0.80 -16.70
CA ILE A 513 13.90 1.61 -15.66
C ILE A 513 12.43 1.93 -15.98
N SER A 514 12.12 2.09 -17.27
CA SER A 514 10.73 2.27 -17.70
C SER A 514 10.21 1.11 -18.57
N ASP A 515 10.96 0.00 -18.60
CA ASP A 515 10.59 -1.20 -19.32
C ASP A 515 11.25 -2.37 -18.61
N LEU A 516 10.71 -2.71 -17.44
CA LEU A 516 11.35 -3.65 -16.52
C LEU A 516 11.55 -5.07 -17.08
N ASP A 517 10.78 -5.42 -18.12
CA ASP A 517 10.95 -6.71 -18.79
C ASP A 517 12.37 -6.94 -19.32
N GLN A 518 13.09 -5.85 -19.57
CA GLN A 518 14.47 -5.91 -20.07
C GLN A 518 15.45 -6.58 -19.10
N LEU A 519 15.07 -6.66 -17.83
CA LEU A 519 15.87 -7.36 -16.82
C LEU A 519 16.11 -8.85 -17.16
N ARG A 520 15.26 -9.42 -18.01
CA ARG A 520 15.46 -10.79 -18.51
C ARG A 520 16.82 -10.97 -19.19
N LYS A 521 17.32 -9.90 -19.81
CA LYS A 521 18.64 -9.90 -20.45
C LYS A 521 19.77 -10.25 -19.47
N LEU A 522 19.51 -10.10 -18.17
CA LEU A 522 20.50 -10.42 -17.14
C LEU A 522 20.74 -11.93 -16.93
N LEU A 523 19.86 -12.76 -17.48
CA LEU A 523 20.04 -14.21 -17.41
C LEU A 523 21.33 -14.66 -18.14
N SER A 524 21.73 -13.90 -19.16
CA SER A 524 22.97 -14.19 -19.87
C SER A 524 24.23 -13.88 -19.04
N TYR A 525 24.05 -13.38 -17.82
CA TYR A 525 25.16 -13.04 -16.92
C TYR A 525 25.20 -13.91 -15.66
N VAL A 526 24.38 -14.97 -15.65
CA VAL A 526 24.28 -15.85 -14.48
C VAL A 526 25.57 -16.65 -14.22
N ASP A 527 26.36 -16.86 -15.28
CA ASP A 527 27.66 -17.53 -15.17
C ASP A 527 28.84 -16.56 -15.30
N ASP A 528 28.55 -15.26 -15.25
CA ASP A 528 29.57 -14.22 -15.35
C ASP A 528 30.16 -13.93 -13.97
N GLU A 529 31.45 -14.22 -13.82
CA GLU A 529 32.13 -14.10 -12.52
C GLU A 529 32.20 -12.67 -11.99
N ALA A 530 32.36 -11.71 -12.90
CA ALA A 530 32.41 -10.29 -12.52
C ALA A 530 31.07 -9.83 -11.96
N PHE A 531 29.98 -10.18 -12.66
CA PHE A 531 28.63 -9.80 -12.25
C PHE A 531 28.20 -10.43 -10.93
N ILE A 532 28.47 -11.72 -10.77
CA ILE A 532 28.22 -12.43 -9.51
C ILE A 532 28.88 -11.70 -8.34
N ARG A 533 30.15 -11.33 -8.52
CA ARG A 533 30.90 -10.60 -7.50
C ARG A 533 30.28 -9.22 -7.22
N ASP A 534 29.87 -8.52 -8.28
CA ASP A 534 29.25 -7.20 -8.15
C ASP A 534 27.91 -7.28 -7.41
N VAL A 535 27.04 -8.23 -7.81
CA VAL A 535 25.75 -8.44 -7.15
C VAL A 535 25.93 -8.65 -5.65
N ALA A 536 26.83 -9.57 -5.29
CA ALA A 536 27.15 -9.86 -3.89
C ALA A 536 27.78 -8.67 -3.18
N LYS A 537 28.54 -7.86 -3.91
CA LYS A 537 29.18 -6.66 -3.35
C LYS A 537 28.14 -5.59 -2.98
N VAL A 538 27.21 -5.33 -3.90
CA VAL A 538 26.13 -4.37 -3.65
C VAL A 538 25.30 -4.75 -2.43
N LYS A 539 24.98 -6.04 -2.30
CA LYS A 539 24.24 -6.54 -1.14
C LYS A 539 25.00 -6.33 0.18
N GLN A 540 26.29 -6.68 0.20
CA GLN A 540 27.13 -6.48 1.38
C GLN A 540 27.20 -5.01 1.81
N GLU A 541 27.40 -4.12 0.84
CA GLU A 541 27.41 -2.68 1.09
C GLU A 541 26.08 -2.18 1.66
N ASN A 542 24.97 -2.69 1.12
CA ASN A 542 23.64 -2.36 1.64
C ASN A 542 23.45 -2.82 3.08
N LYS A 543 23.96 -4.02 3.40
CA LYS A 543 23.86 -4.57 4.75
C LYS A 543 24.72 -3.81 5.78
N LEU A 544 25.92 -3.42 5.37
CA LEU A 544 26.81 -2.60 6.21
C LEU A 544 26.17 -1.25 6.53
N LYS A 545 25.60 -0.62 5.51
CA LYS A 545 24.92 0.67 5.64
C LYS A 545 23.73 0.58 6.60
N PHE A 546 22.95 -0.49 6.50
CA PHE A 546 21.79 -0.69 7.38
C PHE A 546 22.20 -1.08 8.79
N ALA A 547 23.28 -1.84 8.91
CA ALA A 547 23.84 -2.22 10.21
C ALA A 547 24.31 -0.98 10.98
N ALA A 548 24.93 -0.05 10.27
CA ALA A 548 25.40 1.21 10.83
C ALA A 548 24.23 2.12 11.20
N TYR A 549 23.20 2.14 10.34
CA TYR A 549 21.99 2.92 10.58
C TYR A 549 21.31 2.48 11.89
N LEU A 550 21.26 1.17 12.12
CA LEU A 550 20.71 0.60 13.35
C LEU A 550 21.49 1.01 14.59
N GLU A 551 22.82 1.11 14.47
CA GLU A 551 23.68 1.57 15.56
C GLU A 551 23.54 3.08 15.83
N ARG A 552 23.40 3.86 14.75
CA ARG A 552 23.39 5.32 14.86
C ARG A 552 22.11 5.91 15.47
N GLU A 553 20.96 5.39 15.06
CA GLU A 553 19.67 5.94 15.51
C GLU A 553 18.97 5.09 16.57
N TYR A 554 19.53 3.91 16.85
CA TYR A 554 19.10 3.05 17.96
C TYR A 554 20.33 2.44 18.62
N LYS A 555 20.14 1.82 19.79
CA LYS A 555 21.27 1.23 20.52
C LYS A 555 21.38 -0.28 20.27
N VAL A 556 21.46 -0.66 19.00
CA VAL A 556 21.47 -2.07 18.62
C VAL A 556 22.62 -2.40 17.66
N HIS A 557 23.41 -3.43 17.99
CA HIS A 557 24.50 -3.88 17.13
C HIS A 557 24.18 -5.26 16.54
N ILE A 558 24.44 -5.38 15.23
CA ILE A 558 24.22 -6.65 14.52
C ILE A 558 25.46 -7.09 13.74
N ASN A 559 25.60 -8.40 13.57
CA ASN A 559 26.65 -8.97 12.73
C ASN A 559 26.27 -8.88 11.25
N PRO A 560 27.05 -8.11 10.45
CA PRO A 560 26.74 -7.88 9.04
C PRO A 560 27.07 -9.07 8.14
N ASN A 561 27.68 -10.10 8.71
CA ASN A 561 27.99 -11.33 7.97
C ASN A 561 26.86 -12.35 8.01
N SER A 562 25.93 -12.15 8.92
CA SER A 562 24.79 -13.06 9.10
C SER A 562 23.76 -12.93 8.00
N LEU A 563 22.91 -13.95 7.88
CA LEU A 563 21.79 -13.93 6.95
C LEU A 563 20.74 -12.95 7.47
N PHE A 564 20.40 -11.94 6.67
CA PHE A 564 19.39 -10.95 7.06
C PHE A 564 18.00 -11.47 6.70
N ASP A 565 17.32 -11.97 7.73
CA ASP A 565 16.02 -12.64 7.62
C ASP A 565 14.93 -11.64 8.02
N VAL A 566 14.17 -11.18 7.04
CA VAL A 566 13.30 -10.00 7.20
C VAL A 566 11.82 -10.28 6.91
N GLN A 567 10.97 -9.97 7.90
CA GLN A 567 9.53 -9.94 7.70
C GLN A 567 8.97 -8.57 8.09
N VAL A 568 8.72 -7.73 7.09
CA VAL A 568 8.16 -6.40 7.33
C VAL A 568 6.83 -6.22 6.60
N LYS A 569 5.82 -5.83 7.37
CA LYS A 569 4.43 -5.69 6.91
C LYS A 569 3.58 -5.42 8.14
N ARG A 570 2.35 -4.95 7.96
CA ARG A 570 1.44 -4.75 9.07
C ARG A 570 1.23 -6.06 9.86
N ILE A 571 1.06 -5.95 11.18
CA ILE A 571 0.89 -7.13 12.03
C ILE A 571 -0.52 -7.65 11.92
N HIS A 572 -0.66 -8.89 11.44
CA HIS A 572 -1.96 -9.56 11.34
C HIS A 572 -1.79 -11.03 11.61
N GLU A 573 -2.84 -11.66 12.13
CA GLU A 573 -2.86 -13.11 12.32
C GLU A 573 -2.70 -13.88 11.01
N TYR A 574 -3.31 -13.38 9.93
CA TYR A 574 -3.22 -14.08 8.64
C TYR A 574 -1.84 -14.02 8.01
N LYS A 575 -1.07 -12.97 8.32
CA LYS A 575 0.29 -12.82 7.80
C LYS A 575 1.29 -13.71 8.56
N ARG A 576 0.84 -14.23 9.71
CA ARG A 576 1.55 -15.27 10.48
C ARG A 576 2.99 -14.91 10.93
N GLN A 577 3.15 -13.69 11.44
CA GLN A 577 4.37 -13.33 12.18
C GLN A 577 4.62 -14.34 13.30
N LEU A 578 3.54 -14.95 13.80
CA LEU A 578 3.64 -15.99 14.83
C LEU A 578 4.36 -17.25 14.36
N LEU A 579 4.17 -17.62 13.10
CA LEU A 579 4.88 -18.77 12.53
C LEU A 579 6.39 -18.50 12.50
N ASN A 580 6.75 -17.28 12.12
CA ASN A 580 8.14 -16.83 12.16
C ASN A 580 8.68 -16.95 13.59
N CYS A 581 7.91 -16.45 14.56
CA CYS A 581 8.28 -16.52 15.98
C CYS A 581 8.58 -17.94 16.45
N LEU A 582 7.80 -18.91 15.98
CA LEU A 582 7.99 -20.32 16.33
C LEU A 582 9.31 -20.86 15.80
N HIS A 583 9.66 -20.48 14.56
CA HIS A 583 10.94 -20.89 13.98
C HIS A 583 12.13 -20.31 14.73
N VAL A 584 12.02 -19.04 15.11
CA VAL A 584 13.07 -18.36 15.86
C VAL A 584 13.36 -19.08 17.18
N ILE A 585 12.31 -19.43 17.91
CA ILE A 585 12.44 -20.17 19.17
C ILE A 585 13.02 -21.57 18.93
N THR A 586 12.64 -22.19 17.81
CA THR A 586 13.17 -23.49 17.39
C THR A 586 14.69 -23.41 17.20
N LEU A 587 15.16 -22.37 16.50
CA LEU A 587 16.59 -22.17 16.27
C LEU A 587 17.33 -21.94 17.58
N TYR A 588 16.72 -21.15 18.46
CA TYR A 588 17.28 -20.88 19.78
C TYR A 588 17.39 -22.16 20.63
N ASN A 589 16.33 -22.94 20.65
CA ASN A 589 16.29 -24.20 21.41
C ASN A 589 17.30 -25.23 20.90
N ARG A 590 17.45 -25.31 19.58
CA ARG A 590 18.45 -26.18 18.96
C ARG A 590 19.89 -25.79 19.34
N ILE A 591 20.16 -24.49 19.39
CA ILE A 591 21.46 -23.98 19.82
C ILE A 591 21.75 -24.32 21.28
N LYS A 592 20.75 -24.13 22.15
CA LYS A 592 20.87 -24.53 23.55
C LYS A 592 21.08 -26.05 23.71
N LYS A 593 20.50 -26.83 22.81
CA LYS A 593 20.64 -28.28 22.81
C LYS A 593 22.04 -28.74 22.37
N GLU A 594 22.55 -28.12 21.30
CA GLU A 594 23.87 -28.45 20.76
C GLU A 594 24.71 -27.19 20.52
N PRO A 595 25.22 -26.58 21.60
CA PRO A 595 25.88 -25.26 21.52
C PRO A 595 27.11 -25.24 20.61
N ASN A 596 27.84 -26.35 20.56
CA ASN A 596 29.12 -26.40 19.88
C ASN A 596 29.04 -26.86 18.42
N LYS A 597 27.81 -26.95 17.93
CA LYS A 597 27.54 -27.31 16.54
C LYS A 597 27.40 -26.04 15.71
N PHE A 598 27.91 -26.07 14.48
CA PHE A 598 27.84 -24.90 13.60
C PHE A 598 26.43 -24.69 13.04
N VAL A 599 25.97 -23.45 13.13
CA VAL A 599 24.73 -23.03 12.48
C VAL A 599 24.99 -21.73 11.72
N VAL A 600 24.35 -21.58 10.57
CA VAL A 600 24.45 -20.35 9.79
C VAL A 600 23.89 -19.19 10.63
N PRO A 601 24.73 -18.17 10.90
CA PRO A 601 24.31 -17.01 11.70
C PRO A 601 23.18 -16.24 11.01
N ARG A 602 22.22 -15.80 11.81
CA ARG A 602 21.06 -15.06 11.30
C ARG A 602 20.77 -13.84 12.13
N THR A 603 20.39 -12.77 11.43
CA THR A 603 19.73 -11.64 12.07
C THR A 603 18.28 -11.68 11.63
N VAL A 604 17.39 -11.95 12.57
CA VAL A 604 15.97 -12.02 12.28
C VAL A 604 15.31 -10.69 12.63
N MET A 605 14.81 -10.03 11.60
CA MET A 605 14.18 -8.72 11.72
C MET A 605 12.70 -8.80 11.39
N ILE A 606 11.88 -8.38 12.35
CA ILE A 606 10.44 -8.30 12.16
C ILE A 606 9.99 -6.89 12.50
N GLY A 607 9.23 -6.28 11.59
CA GLY A 607 8.70 -4.94 11.82
C GLY A 607 7.32 -4.75 11.23
N GLY A 608 6.58 -3.78 11.78
CA GLY A 608 5.24 -3.47 11.32
C GLY A 608 4.36 -2.93 12.42
N LYS A 609 3.38 -2.12 12.02
CA LYS A 609 2.45 -1.54 12.98
C LYS A 609 1.24 -2.43 13.17
N ALA A 610 0.68 -2.40 14.37
CA ALA A 610 -0.59 -3.07 14.66
C ALA A 610 -1.68 -2.02 14.80
N ALA A 611 -2.87 -2.34 14.28
CA ALA A 611 -4.04 -1.48 14.48
C ALA A 611 -4.26 -1.31 15.99
N PRO A 612 -4.53 -0.07 16.43
CA PRO A 612 -4.62 0.27 17.85
C PRO A 612 -5.61 -0.57 18.67
N GLY A 613 -6.69 -1.04 18.04
CA GLY A 613 -7.69 -1.85 18.75
C GLY A 613 -7.51 -3.35 18.66
N TYR A 614 -6.45 -3.79 17.99
CA TYR A 614 -6.22 -5.19 17.65
C TYR A 614 -5.36 -5.83 18.73
N HIS A 615 -6.01 -6.36 19.76
CA HIS A 615 -5.34 -6.93 20.94
C HIS A 615 -4.29 -7.98 20.58
N MET A 616 -4.67 -8.98 19.78
CA MET A 616 -3.79 -10.09 19.41
C MET A 616 -2.51 -9.61 18.71
N ALA A 617 -2.65 -8.64 17.81
CA ALA A 617 -1.52 -8.07 17.08
C ALA A 617 -0.57 -7.33 18.01
N LYS A 618 -1.13 -6.66 19.02
CA LYS A 618 -0.33 -6.02 20.04
C LYS A 618 0.42 -7.03 20.91
N MET A 619 -0.21 -8.18 21.15
CA MET A 619 0.43 -9.28 21.89
C MET A 619 1.58 -9.91 21.11
N ILE A 620 1.43 -9.99 19.78
CA ILE A 620 2.46 -10.55 18.90
C ILE A 620 3.73 -9.67 18.91
N ILE A 621 3.56 -8.36 18.86
CA ILE A 621 4.67 -7.42 18.98
C ILE A 621 5.39 -7.65 20.31
N LYS A 622 4.62 -7.75 21.39
CA LYS A 622 5.18 -8.00 22.72
C LYS A 622 5.98 -9.30 22.75
N LEU A 623 5.42 -10.37 22.18
CA LEU A 623 6.14 -11.65 22.08
C LEU A 623 7.48 -11.53 21.35
N ILE A 624 7.50 -10.81 20.23
CA ILE A 624 8.71 -10.65 19.44
C ILE A 624 9.82 -10.00 20.26
N THR A 625 9.50 -8.91 20.95
CA THR A 625 10.47 -8.21 21.78
C THR A 625 10.89 -9.07 22.97
N ALA A 626 9.96 -9.83 23.53
CA ALA A 626 10.23 -10.74 24.65
C ALA A 626 11.20 -11.86 24.26
N ILE A 627 11.04 -12.38 23.04
CA ILE A 627 11.96 -13.38 22.48
C ILE A 627 13.35 -12.76 22.34
N GLY A 628 13.40 -11.55 21.78
CA GLY A 628 14.64 -10.77 21.67
C GLY A 628 15.37 -10.58 22.99
N ASP A 629 14.63 -10.23 24.04
CA ASP A 629 15.20 -10.04 25.37
C ASP A 629 15.95 -11.27 25.89
N VAL A 630 15.43 -12.46 25.59
CA VAL A 630 16.07 -13.71 25.98
C VAL A 630 17.22 -14.08 25.03
N VAL A 631 16.92 -14.09 23.73
CA VAL A 631 17.86 -14.54 22.71
C VAL A 631 19.10 -13.64 22.59
N ASN A 632 18.89 -12.32 22.58
CA ASN A 632 19.98 -11.37 22.36
C ASN A 632 20.94 -11.23 23.54
N HIS A 633 20.58 -11.83 24.68
CA HIS A 633 21.37 -11.69 25.91
C HIS A 633 21.88 -13.02 26.46
N ASP A 634 21.72 -14.09 25.68
CA ASP A 634 22.23 -15.40 26.04
C ASP A 634 23.67 -15.53 25.52
N PRO A 635 24.64 -15.67 26.44
CA PRO A 635 26.08 -15.74 26.06
C PRO A 635 26.41 -16.97 25.22
N VAL A 636 25.66 -18.05 25.39
CA VAL A 636 25.86 -19.28 24.64
C VAL A 636 25.54 -19.09 23.15
N VAL A 637 24.56 -18.24 22.87
CA VAL A 637 24.14 -17.93 21.50
C VAL A 637 25.20 -17.12 20.75
N GLY A 638 25.75 -16.11 21.43
CA GLY A 638 26.76 -15.23 20.83
C GLY A 638 26.12 -14.32 19.80
N ASP A 639 26.81 -14.14 18.67
CA ASP A 639 26.25 -13.38 17.54
C ASP A 639 25.73 -14.31 16.43
N ARG A 640 25.36 -15.53 16.82
CA ARG A 640 24.83 -16.51 15.87
C ARG A 640 23.33 -16.36 15.62
N LEU A 641 22.64 -15.71 16.55
CA LEU A 641 21.21 -15.44 16.41
C LEU A 641 20.83 -14.15 17.12
N ARG A 642 20.18 -13.27 16.38
CA ARG A 642 19.70 -12.00 16.91
C ARG A 642 18.26 -11.77 16.43
N VAL A 643 17.42 -11.31 17.35
CA VAL A 643 16.03 -10.98 17.02
C VAL A 643 15.76 -9.52 17.31
N ILE A 644 15.47 -8.76 16.25
CA ILE A 644 15.24 -7.33 16.36
C ILE A 644 13.84 -6.99 15.86
N PHE A 645 13.09 -6.25 16.66
CA PHE A 645 11.84 -5.66 16.18
C PHE A 645 12.12 -4.28 15.57
N LEU A 646 11.78 -4.13 14.30
CA LEU A 646 11.99 -2.87 13.60
C LEU A 646 10.86 -1.88 13.88
N GLU A 647 11.20 -0.87 14.68
CA GLU A 647 10.28 0.16 15.12
C GLU A 647 9.84 1.09 13.99
N ASN A 648 8.56 1.44 14.00
CA ASN A 648 8.00 2.49 13.13
C ASN A 648 8.14 2.20 11.64
N TYR A 649 7.88 0.95 11.25
CA TYR A 649 7.94 0.56 9.84
C TYR A 649 6.99 1.43 9.00
N ARG A 650 7.53 1.98 7.92
CA ARG A 650 6.87 2.97 7.09
C ARG A 650 7.64 3.01 5.77
N VAL A 651 7.16 3.76 4.79
CA VAL A 651 7.77 3.76 3.45
C VAL A 651 9.30 4.06 3.50
N SER A 652 9.70 5.12 4.20
CA SER A 652 11.11 5.50 4.26
C SER A 652 12.01 4.40 4.88
N LEU A 653 11.50 3.69 5.89
CA LEU A 653 12.23 2.56 6.46
C LEU A 653 12.29 1.36 5.51
N ALA A 654 11.20 1.08 4.81
CA ALA A 654 11.16 0.06 3.76
C ALA A 654 12.25 0.28 2.71
N GLU A 655 12.48 1.54 2.35
CA GLU A 655 13.51 1.88 1.35
C GLU A 655 14.92 1.58 1.85
N LYS A 656 15.08 1.53 3.18
CA LYS A 656 16.37 1.21 3.82
C LYS A 656 16.57 -0.30 4.07
N VAL A 657 15.55 -0.99 4.57
CA VAL A 657 15.70 -2.39 4.97
C VAL A 657 15.63 -3.39 3.80
N ILE A 658 14.74 -3.14 2.85
CA ILE A 658 14.55 -4.05 1.72
C ILE A 658 15.84 -4.27 0.90
N PRO A 659 16.58 -3.19 0.54
CA PRO A 659 17.87 -3.42 -0.13
C PRO A 659 18.89 -4.23 0.68
N ALA A 660 18.72 -4.27 2.00
CA ALA A 660 19.64 -4.96 2.88
C ALA A 660 19.28 -6.43 3.16
N ALA A 661 18.12 -6.87 2.69
CA ALA A 661 17.62 -8.21 3.03
C ALA A 661 18.22 -9.34 2.20
N ASP A 662 18.46 -10.47 2.85
CA ASP A 662 18.84 -11.72 2.18
C ASP A 662 17.64 -12.63 1.94
N LEU A 663 16.76 -12.71 2.94
CA LEU A 663 15.59 -13.59 2.88
C LEU A 663 14.31 -12.82 3.16
N SER A 664 13.33 -12.98 2.28
CA SER A 664 12.04 -12.31 2.35
C SER A 664 10.97 -13.31 2.84
N GLU A 665 10.36 -13.00 3.98
CA GLU A 665 9.36 -13.88 4.58
C GLU A 665 7.97 -13.48 4.10
N GLN A 666 7.35 -14.38 3.32
CA GLN A 666 6.02 -14.16 2.76
C GLN A 666 5.17 -15.40 3.03
N ILE A 667 4.72 -15.50 4.28
CA ILE A 667 4.28 -16.78 4.85
C ILE A 667 2.83 -16.80 5.32
N SER A 668 1.97 -16.01 4.66
CA SER A 668 0.54 -16.01 4.94
C SER A 668 -0.07 -17.39 4.65
N THR A 669 -1.13 -17.75 5.39
CA THR A 669 -1.89 -18.96 5.08
C THR A 669 -2.40 -18.89 3.65
N ALA A 670 -2.18 -19.96 2.87
CA ALA A 670 -2.67 -20.01 1.49
C ALA A 670 -4.13 -19.59 1.42
N GLY A 671 -4.43 -18.65 0.52
CA GLY A 671 -5.80 -18.16 0.31
C GLY A 671 -6.18 -16.89 1.04
N THR A 672 -5.23 -16.31 1.78
CA THR A 672 -5.54 -15.15 2.63
C THR A 672 -4.94 -13.81 2.19
N GLU A 673 -3.70 -13.83 1.68
CA GLU A 673 -3.07 -12.59 1.20
C GLU A 673 -3.44 -12.41 -0.28
N ALA A 674 -4.29 -11.43 -0.58
CA ALA A 674 -4.79 -11.25 -1.95
C ALA A 674 -3.65 -11.19 -2.98
N SER A 675 -2.62 -10.39 -2.69
CA SER A 675 -1.47 -10.33 -3.56
C SER A 675 -0.17 -10.24 -2.77
N GLY A 676 -0.06 -9.21 -1.94
CA GLY A 676 1.22 -8.79 -1.40
C GLY A 676 1.92 -7.91 -2.43
N THR A 677 2.70 -6.95 -1.95
CA THR A 677 3.52 -6.11 -2.85
C THR A 677 4.92 -6.00 -2.27
N GLY A 678 5.03 -6.11 -0.95
CA GLY A 678 6.31 -6.20 -0.27
C GLY A 678 7.13 -7.33 -0.87
N ASN A 679 6.49 -8.47 -1.11
CA ASN A 679 7.13 -9.60 -1.78
C ASN A 679 7.87 -9.21 -3.07
N MET A 680 7.23 -8.39 -3.90
CA MET A 680 7.80 -7.91 -5.16
C MET A 680 9.01 -6.99 -4.95
N LYS A 681 8.93 -6.09 -3.97
CA LYS A 681 10.04 -5.20 -3.59
C LYS A 681 11.33 -5.96 -3.21
N PHE A 682 11.18 -7.01 -2.42
CA PHE A 682 12.31 -7.86 -2.03
C PHE A 682 12.95 -8.60 -3.21
N MET A 683 12.11 -9.11 -4.11
CA MET A 683 12.55 -9.84 -5.29
C MET A 683 13.40 -8.97 -6.21
N LEU A 684 12.98 -7.71 -6.36
CA LEU A 684 13.66 -6.75 -7.22
C LEU A 684 14.99 -6.32 -6.61
N ASN A 685 15.12 -6.45 -5.29
CA ASN A 685 16.28 -5.95 -4.56
C ASN A 685 17.32 -6.96 -4.11
N GLY A 686 17.19 -8.20 -4.60
CA GLY A 686 18.23 -9.21 -4.42
C GLY A 686 18.10 -10.10 -3.21
N ALA A 687 16.87 -10.26 -2.73
CA ALA A 687 16.60 -11.20 -1.65
C ALA A 687 15.90 -12.41 -2.23
N LEU A 688 16.13 -13.57 -1.61
CA LEU A 688 15.40 -14.78 -1.97
C LEU A 688 14.14 -14.85 -1.12
N THR A 689 13.14 -15.58 -1.59
CA THR A 689 11.84 -15.61 -0.93
C THR A 689 11.53 -16.98 -0.32
N ILE A 690 11.22 -17.01 0.96
CA ILE A 690 10.57 -18.16 1.57
C ILE A 690 9.08 -17.84 1.71
N GLY A 691 8.24 -18.69 1.14
CA GLY A 691 6.83 -18.38 1.13
C GLY A 691 5.87 -19.49 0.79
N THR A 692 4.62 -19.26 1.12
CA THR A 692 3.52 -20.13 0.76
C THR A 692 3.08 -19.82 -0.66
N MET A 693 2.30 -20.71 -1.26
CA MET A 693 1.71 -20.48 -2.56
C MET A 693 0.44 -19.65 -2.40
N ASP A 694 0.64 -18.36 -2.12
CA ASP A 694 -0.44 -17.43 -1.82
C ASP A 694 -0.22 -16.12 -2.56
N GLY A 695 -1.31 -15.45 -2.91
CA GLY A 695 -1.23 -14.17 -3.61
C GLY A 695 -0.29 -14.18 -4.78
N ALA A 696 0.54 -13.14 -4.88
CA ALA A 696 1.45 -13.00 -6.02
C ALA A 696 2.68 -13.93 -5.93
N ASN A 697 2.91 -14.52 -4.77
CA ASN A 697 4.00 -15.51 -4.60
C ASN A 697 3.95 -16.57 -5.68
N VAL A 698 2.74 -17.02 -6.03
CA VAL A 698 2.49 -18.04 -7.06
C VAL A 698 3.06 -17.60 -8.42
N GLU A 699 2.78 -16.35 -8.79
CA GLU A 699 3.22 -15.82 -10.08
C GLU A 699 4.72 -15.52 -10.06
N MET A 700 5.21 -15.09 -8.90
CA MET A 700 6.65 -14.85 -8.71
C MET A 700 7.46 -16.13 -8.93
N ALA A 701 7.02 -17.23 -8.31
CA ALA A 701 7.66 -18.53 -8.45
C ALA A 701 7.56 -19.05 -9.89
N GLU A 702 6.41 -18.80 -10.51
CA GLU A 702 6.21 -19.14 -11.91
C GLU A 702 7.19 -18.39 -12.83
N GLU A 703 7.39 -17.10 -12.57
CA GLU A 703 8.32 -16.30 -13.37
C GLU A 703 9.77 -16.72 -13.18
N ALA A 704 10.20 -16.90 -11.93
CA ALA A 704 11.60 -17.22 -11.61
C ALA A 704 11.94 -18.70 -11.81
N GLY A 705 10.93 -19.55 -11.67
CA GLY A 705 11.12 -21.00 -11.62
C GLY A 705 11.07 -21.46 -10.18
N GLU A 706 10.29 -22.52 -9.94
CA GLU A 706 10.08 -23.03 -8.58
C GLU A 706 11.36 -23.44 -7.87
N GLU A 707 12.34 -23.90 -8.64
CA GLU A 707 13.64 -24.29 -8.10
C GLU A 707 14.40 -23.09 -7.51
N ASN A 708 14.02 -21.88 -7.93
CA ASN A 708 14.68 -20.65 -7.49
C ASN A 708 13.89 -19.91 -6.43
N PHE A 709 12.96 -20.63 -5.81
CA PHE A 709 12.07 -20.09 -4.80
C PHE A 709 12.01 -21.10 -3.64
N PHE A 710 11.84 -20.61 -2.42
CA PHE A 710 11.68 -21.52 -1.30
C PHE A 710 10.22 -21.64 -0.91
N ILE A 711 9.52 -22.51 -1.63
CA ILE A 711 8.10 -22.77 -1.44
C ILE A 711 7.87 -23.86 -0.39
N PHE A 712 6.91 -23.64 0.50
CA PHE A 712 6.55 -24.61 1.52
C PHE A 712 5.07 -24.52 1.85
N GLY A 713 4.57 -25.55 2.52
CA GLY A 713 3.28 -25.48 3.22
C GLY A 713 2.08 -25.88 2.39
N MET A 714 0.92 -25.82 3.03
CA MET A 714 -0.35 -26.14 2.39
C MET A 714 -0.64 -25.23 1.20
N ARG A 715 -1.22 -25.80 0.15
CA ARG A 715 -1.83 -25.01 -0.92
C ARG A 715 -3.27 -24.70 -0.49
N VAL A 716 -3.95 -23.84 -1.25
CA VAL A 716 -5.36 -23.50 -1.01
C VAL A 716 -6.20 -24.76 -0.81
N GLU A 717 -6.04 -25.72 -1.72
CA GLU A 717 -6.77 -26.99 -1.69
C GLU A 717 -6.55 -27.79 -0.40
N ASP A 718 -5.32 -27.74 0.12
CA ASP A 718 -4.97 -28.42 1.37
C ASP A 718 -5.66 -27.77 2.56
N VAL A 719 -5.73 -26.45 2.55
CA VAL A 719 -6.44 -25.70 3.60
C VAL A 719 -7.93 -26.05 3.59
N ASP A 720 -8.52 -26.14 2.40
CA ASP A 720 -9.91 -26.55 2.22
C ASP A 720 -10.20 -27.93 2.82
N ARG A 721 -9.34 -28.91 2.50
CA ARG A 721 -9.48 -30.29 3.01
C ARG A 721 -9.40 -30.35 4.53
N LEU A 722 -8.49 -29.56 5.10
CA LEU A 722 -8.33 -29.49 6.56
C LEU A 722 -9.56 -28.86 7.24
N ASP A 723 -10.16 -27.88 6.57
CA ASP A 723 -11.41 -27.27 7.03
C ASP A 723 -12.58 -28.26 7.01
N GLN A 724 -12.59 -29.17 6.03
CA GLN A 724 -13.66 -30.17 5.92
C GLN A 724 -13.73 -31.08 7.14
N ARG A 725 -12.60 -31.70 7.49
CA ARG A 725 -12.56 -32.63 8.62
C ARG A 725 -12.42 -31.90 9.96
N GLY A 726 -12.03 -30.63 9.90
CA GLY A 726 -11.88 -29.81 11.10
C GLY A 726 -10.45 -29.73 11.59
N TYR A 727 -9.95 -28.52 11.76
CA TYR A 727 -8.58 -28.29 12.21
C TYR A 727 -8.44 -28.53 13.71
N ASN A 728 -7.61 -29.50 14.08
CA ASN A 728 -7.30 -29.77 15.48
C ASN A 728 -5.81 -29.55 15.76
N ALA A 729 -5.50 -28.45 16.43
CA ALA A 729 -4.12 -28.06 16.71
C ALA A 729 -3.43 -29.01 17.70
N GLN A 730 -4.21 -29.59 18.61
CA GLN A 730 -3.71 -30.55 19.60
C GLN A 730 -2.92 -31.70 18.95
N GLU A 731 -3.40 -32.14 17.78
CA GLU A 731 -2.73 -33.20 17.03
C GLU A 731 -1.26 -32.90 16.76
N TYR A 732 -0.98 -31.68 16.31
CA TYR A 732 0.40 -31.25 16.01
C TYR A 732 1.22 -31.11 17.27
N TYR A 733 0.62 -30.55 18.32
CA TYR A 733 1.24 -30.45 19.63
C TYR A 733 1.67 -31.83 20.14
N ASP A 734 0.80 -32.83 19.96
CA ASP A 734 1.07 -34.20 20.42
C ASP A 734 2.15 -34.92 19.61
N ARG A 735 2.26 -34.58 18.33
CA ARG A 735 3.11 -35.33 17.40
C ARG A 735 4.48 -34.70 17.14
N ILE A 736 4.63 -33.43 17.50
CA ILE A 736 5.88 -32.71 17.25
C ILE A 736 6.48 -32.25 18.58
N PRO A 737 7.50 -32.98 19.08
CA PRO A 737 8.15 -32.67 20.36
C PRO A 737 8.77 -31.26 20.40
N GLU A 738 9.37 -30.82 19.31
CA GLU A 738 9.96 -29.47 19.24
C GLU A 738 8.91 -28.36 19.36
N LEU A 739 7.73 -28.61 18.81
CA LEU A 739 6.60 -27.69 18.91
C LEU A 739 6.06 -27.64 20.35
N ARG A 740 5.93 -28.82 20.96
CA ARG A 740 5.46 -28.95 22.34
C ARG A 740 6.32 -28.17 23.32
N GLN A 741 7.64 -28.29 23.18
CA GLN A 741 8.60 -27.57 24.03
C GLN A 741 8.36 -26.05 23.97
N ILE A 742 8.11 -25.54 22.76
CA ILE A 742 7.88 -24.11 22.57
C ILE A 742 6.62 -23.63 23.30
N ILE A 743 5.52 -24.35 23.12
CA ILE A 743 4.25 -24.01 23.77
C ILE A 743 4.37 -24.05 25.30
N GLU A 744 5.05 -25.07 25.81
CA GLU A 744 5.29 -25.18 27.25
C GLU A 744 6.16 -24.04 27.77
N GLN A 745 7.16 -23.63 26.98
CA GLN A 745 7.99 -22.47 27.31
C GLN A 745 7.14 -21.20 27.38
N LEU A 746 6.23 -21.04 26.43
CA LEU A 746 5.32 -19.89 26.41
C LEU A 746 4.39 -19.90 27.63
N SER A 747 3.82 -21.06 27.92
CA SER A 747 2.87 -21.23 29.02
C SER A 747 3.49 -21.03 30.41
N SER A 748 4.72 -21.49 30.58
CA SER A 748 5.37 -21.50 31.88
C SER A 748 6.00 -20.17 32.28
N GLY A 749 6.18 -19.28 31.31
CA GLY A 749 6.76 -17.97 31.59
C GLY A 749 8.25 -17.90 31.35
N PHE A 750 8.75 -18.73 30.44
CA PHE A 750 10.16 -18.71 30.06
C PHE A 750 10.54 -17.39 29.40
N PHE A 751 9.62 -16.85 28.60
CA PHE A 751 9.85 -15.57 27.91
C PHE A 751 9.21 -14.38 28.63
N SER A 752 8.73 -14.62 29.85
CA SER A 752 8.16 -13.59 30.71
C SER A 752 8.21 -14.01 32.20
N PRO A 753 9.40 -13.95 32.83
CA PRO A 753 9.58 -14.47 34.19
C PRO A 753 8.78 -13.73 35.25
N LYS A 754 8.62 -12.42 35.09
CA LYS A 754 7.88 -11.59 36.05
C LYS A 754 6.36 -11.77 35.96
N GLN A 755 5.87 -12.05 34.75
CA GLN A 755 4.45 -12.32 34.52
C GLN A 755 4.33 -13.65 33.77
N PRO A 756 4.36 -14.77 34.50
CA PRO A 756 4.40 -16.10 33.88
C PRO A 756 3.28 -16.40 32.89
N ASP A 757 2.10 -15.80 33.09
CA ASP A 757 0.95 -16.08 32.23
C ASP A 757 0.71 -15.01 31.15
N LEU A 758 1.68 -14.15 30.93
CA LEU A 758 1.56 -13.04 29.97
C LEU A 758 1.05 -13.46 28.59
N PHE A 759 1.52 -14.62 28.11
CA PHE A 759 1.22 -15.07 26.76
C PHE A 759 0.14 -16.15 26.68
N LYS A 760 -0.68 -16.25 27.72
CA LYS A 760 -1.77 -17.23 27.78
C LYS A 760 -2.80 -17.06 26.66
N ASP A 761 -3.06 -15.82 26.27
CA ASP A 761 -3.99 -15.51 25.18
C ASP A 761 -3.49 -16.08 23.85
N ILE A 762 -2.20 -15.92 23.60
CA ILE A 762 -1.56 -16.44 22.39
C ILE A 762 -1.61 -17.95 22.34
N VAL A 763 -1.23 -18.59 23.46
CA VAL A 763 -1.26 -20.06 23.58
C VAL A 763 -2.68 -20.58 23.39
N ASN A 764 -3.63 -19.96 24.06
CA ASN A 764 -5.04 -20.34 23.96
C ASN A 764 -5.51 -20.29 22.51
N MET A 765 -5.21 -19.18 21.84
CA MET A 765 -5.59 -19.00 20.43
C MET A 765 -4.97 -20.09 19.55
N LEU A 766 -3.66 -20.30 19.68
CA LEU A 766 -2.95 -21.31 18.90
C LEU A 766 -3.54 -22.71 19.06
N MET A 767 -3.85 -23.07 20.31
CA MET A 767 -4.35 -24.40 20.65
C MET A 767 -5.84 -24.62 20.32
N HIS A 768 -6.66 -23.58 20.42
CA HIS A 768 -8.12 -23.78 20.39
C HIS A 768 -8.93 -23.07 19.31
N HIS A 769 -8.46 -21.92 18.81
CA HIS A 769 -9.22 -21.18 17.79
C HIS A 769 -8.34 -20.39 16.81
N ASP A 770 -7.40 -21.10 16.20
CA ASP A 770 -6.49 -20.51 15.22
C ASP A 770 -7.10 -20.66 13.83
N ARG A 771 -7.68 -19.57 13.33
CA ARG A 771 -8.26 -19.53 11.99
C ARG A 771 -7.22 -19.75 10.89
N PHE A 772 -5.94 -19.52 11.22
CA PHE A 772 -4.89 -19.48 10.19
C PHE A 772 -3.86 -20.63 10.22
N LYS A 773 -4.14 -21.63 11.06
CA LYS A 773 -3.48 -22.94 10.98
C LYS A 773 -1.94 -22.86 11.06
N VAL A 774 -1.46 -22.07 12.00
CA VAL A 774 -0.03 -21.88 12.25
C VAL A 774 0.71 -23.23 12.43
N PHE A 775 0.15 -24.11 13.27
CA PHE A 775 0.76 -25.42 13.54
C PHE A 775 0.85 -26.33 12.32
N ALA A 776 -0.17 -26.27 11.46
CA ALA A 776 -0.23 -27.15 10.28
C ALA A 776 0.93 -26.93 9.28
N ASP A 777 1.49 -25.73 9.26
CA ASP A 777 2.60 -25.43 8.36
C ASP A 777 3.97 -25.46 9.06
N TYR A 778 3.98 -25.67 10.36
CA TYR A 778 5.21 -25.55 11.17
C TYR A 778 6.34 -26.46 10.69
N GLU A 779 6.05 -27.74 10.54
CA GLU A 779 7.08 -28.73 10.16
C GLU A 779 7.74 -28.41 8.82
N GLU A 780 6.91 -28.20 7.79
CA GLU A 780 7.40 -27.86 6.46
C GLU A 780 8.15 -26.53 6.42
N TYR A 781 7.72 -25.57 7.25
CA TYR A 781 8.38 -24.28 7.36
C TYR A 781 9.81 -24.43 7.86
N VAL A 782 9.95 -25.14 8.97
CA VAL A 782 11.24 -25.40 9.61
C VAL A 782 12.22 -26.13 8.67
N LYS A 783 11.75 -27.16 8.00
CA LYS A 783 12.54 -27.90 7.01
C LYS A 783 12.98 -27.02 5.84
N CYS A 784 12.05 -26.18 5.37
CA CYS A 784 12.35 -25.24 4.29
C CYS A 784 13.44 -24.25 4.70
N GLN A 785 13.37 -23.75 5.93
CA GLN A 785 14.37 -22.85 6.51
C GLN A 785 15.78 -23.46 6.58
N GLU A 786 15.84 -24.78 6.79
CA GLU A 786 17.11 -25.52 6.76
C GLU A 786 17.72 -25.52 5.36
N ARG A 787 16.88 -25.66 4.33
CA ARG A 787 17.35 -25.58 2.94
C ARG A 787 17.87 -24.19 2.58
N VAL A 788 17.24 -23.16 3.15
CA VAL A 788 17.72 -21.77 3.00
C VAL A 788 19.13 -21.62 3.58
N SER A 789 19.32 -22.10 4.81
CA SER A 789 20.61 -22.04 5.50
C SER A 789 21.70 -22.80 4.75
N ALA A 790 21.33 -23.95 4.22
CA ALA A 790 22.21 -24.78 3.39
C ALA A 790 22.76 -24.00 2.18
N LEU A 791 21.87 -23.34 1.46
CA LEU A 791 22.28 -22.57 0.27
C LEU A 791 23.13 -21.34 0.62
N TYR A 792 22.82 -20.70 1.74
CA TYR A 792 23.57 -19.52 2.17
C TYR A 792 25.04 -19.82 2.51
N LYS A 793 25.33 -21.08 2.86
CA LYS A 793 26.70 -21.58 3.08
C LYS A 793 27.54 -21.60 1.80
N ASN A 794 26.87 -21.52 0.66
CA ASN A 794 27.52 -21.48 -0.65
C ASN A 794 27.23 -20.14 -1.35
N PRO A 795 28.01 -19.09 -1.03
CA PRO A 795 27.79 -17.72 -1.51
C PRO A 795 27.59 -17.62 -3.02
N ARG A 796 28.38 -18.37 -3.78
CA ARG A 796 28.31 -18.32 -5.24
C ARG A 796 26.94 -18.79 -5.75
N GLU A 797 26.44 -19.90 -5.19
CA GLU A 797 25.16 -20.46 -5.61
C GLU A 797 23.97 -19.64 -5.10
N TRP A 798 24.12 -19.04 -3.91
CA TRP A 798 23.12 -18.10 -3.40
C TRP A 798 22.93 -16.95 -4.41
N THR A 799 24.04 -16.29 -4.75
CA THR A 799 24.02 -15.14 -5.67
C THR A 799 23.51 -15.49 -7.06
N ARG A 800 23.85 -16.66 -7.56
CA ARG A 800 23.33 -17.11 -8.85
C ARG A 800 21.80 -17.24 -8.83
N MET A 801 21.27 -17.77 -7.73
CA MET A 801 19.81 -17.85 -7.57
C MET A 801 19.20 -16.44 -7.45
N VAL A 802 19.90 -15.56 -6.74
CA VAL A 802 19.49 -14.15 -6.62
C VAL A 802 19.37 -13.52 -8.00
N ILE A 803 20.40 -13.69 -8.84
CA ILE A 803 20.39 -13.17 -10.21
C ILE A 803 19.19 -13.69 -11.01
N ARG A 804 18.86 -14.95 -10.83
CA ARG A 804 17.70 -15.55 -11.49
C ARG A 804 16.37 -14.90 -11.07
N ASN A 805 16.29 -14.47 -9.80
CA ASN A 805 15.13 -13.74 -9.29
C ASN A 805 15.02 -12.32 -9.85
N ILE A 806 16.09 -11.53 -9.71
CA ILE A 806 16.11 -10.16 -10.22
C ILE A 806 15.78 -10.13 -11.71
N ALA A 807 16.33 -11.08 -12.45
CA ALA A 807 16.20 -11.14 -13.90
C ALA A 807 14.77 -11.40 -14.39
N THR A 808 13.95 -12.00 -13.53
CA THR A 808 12.59 -12.38 -13.91
C THR A 808 11.51 -11.58 -13.15
N SER A 809 11.93 -10.48 -12.51
CA SER A 809 11.02 -9.67 -11.69
C SER A 809 10.25 -8.62 -12.50
N GLY A 810 10.53 -8.56 -13.81
CA GLY A 810 9.94 -7.57 -14.72
C GLY A 810 8.43 -7.50 -14.78
N LYS A 811 7.77 -8.66 -14.69
CA LYS A 811 6.30 -8.70 -14.69
C LYS A 811 5.69 -7.83 -13.58
N PHE A 812 6.44 -7.64 -12.51
CA PHE A 812 5.89 -7.02 -11.30
C PHE A 812 6.11 -5.52 -11.20
N SER A 813 6.42 -4.92 -12.34
CA SER A 813 6.42 -3.47 -12.48
C SER A 813 4.99 -3.00 -12.54
N SER A 814 4.66 -1.95 -11.80
CA SER A 814 3.33 -1.33 -11.90
C SER A 814 3.07 -0.69 -13.27
N ASP A 815 4.13 -0.47 -14.07
CA ASP A 815 3.92 -0.04 -15.46
C ASP A 815 3.14 -1.10 -16.23
N ARG A 816 3.49 -2.37 -16.02
CA ARG A 816 2.76 -3.48 -16.64
C ARG A 816 1.32 -3.51 -16.13
N THR A 817 1.15 -3.45 -14.80
CA THR A 817 -0.17 -3.43 -14.18
C THR A 817 -1.05 -2.34 -14.78
N ILE A 818 -0.55 -1.11 -14.76
CA ILE A 818 -1.29 0.06 -15.26
C ILE A 818 -1.61 -0.04 -16.76
N ALA A 819 -0.67 -0.55 -17.55
CA ALA A 819 -0.93 -0.80 -18.97
C ALA A 819 -2.14 -1.73 -19.17
N GLN A 820 -2.26 -2.75 -18.32
CA GLN A 820 -3.40 -3.68 -18.39
C GLN A 820 -4.74 -3.01 -18.00
N TYR A 821 -4.74 -2.26 -16.89
CA TYR A 821 -5.91 -1.44 -16.53
C TYR A 821 -6.31 -0.51 -17.69
N ALA A 822 -5.32 0.18 -18.26
CA ALA A 822 -5.58 1.13 -19.34
C ALA A 822 -6.28 0.46 -20.53
N ARG A 823 -5.75 -0.67 -20.98
CA ARG A 823 -6.25 -1.35 -22.18
C ARG A 823 -7.52 -2.16 -21.94
N GLU A 824 -7.59 -2.83 -20.78
CA GLU A 824 -8.66 -3.80 -20.53
C GLU A 824 -9.84 -3.25 -19.71
N ILE A 825 -9.62 -2.15 -19.01
CA ILE A 825 -10.69 -1.56 -18.19
C ILE A 825 -11.05 -0.12 -18.62
N TRP A 826 -10.05 0.75 -18.72
CA TRP A 826 -10.31 2.18 -18.95
C TRP A 826 -10.51 2.57 -20.41
N GLY A 827 -10.03 1.72 -21.32
CA GLY A 827 -10.16 1.96 -22.76
C GLY A 827 -9.29 3.10 -23.25
N VAL A 828 -8.06 3.16 -22.77
CA VAL A 828 -7.10 4.19 -23.20
C VAL A 828 -5.74 3.56 -23.50
N GLU A 829 -5.00 4.18 -24.41
CA GLU A 829 -3.68 3.70 -24.79
C GLU A 829 -2.58 4.46 -24.06
N PRO A 830 -1.70 3.73 -23.36
CA PRO A 830 -0.53 4.36 -22.76
C PRO A 830 0.48 4.84 -23.81
N SER A 831 1.38 5.74 -23.41
CA SER A 831 2.38 6.31 -24.32
C SER A 831 3.65 6.70 -23.57
N ARG A 832 4.81 6.29 -24.08
CA ARG A 832 6.09 6.70 -23.51
C ARG A 832 6.62 8.02 -24.10
N GLN A 833 5.86 8.60 -25.03
CA GLN A 833 6.24 9.86 -25.70
C GLN A 833 6.34 11.05 -24.73
N ARG A 834 7.44 11.78 -24.87
CA ARG A 834 7.77 12.89 -23.98
C ARG A 834 7.10 14.19 -24.42
N LEU A 835 6.59 14.95 -23.45
CA LEU A 835 6.09 16.30 -23.70
C LEU A 835 7.26 17.28 -23.80
N PRO A 836 7.09 18.39 -24.56
CA PRO A 836 8.19 19.32 -24.89
C PRO A 836 8.91 20.01 -23.72
N ALA A 837 8.24 20.11 -22.56
CA ALA A 837 8.76 20.84 -21.39
C ALA A 837 8.90 22.34 -21.64
N1 PLP B . 3.81 -1.07 4.27
C2 PLP B . 4.78 -0.37 3.58
C2A PLP B . 5.39 0.83 4.24
C3 PLP B . 5.19 -0.78 2.31
O3 PLP B . 6.06 -0.13 1.71
C4 PLP B . 4.59 -1.90 1.72
C4A PLP B . 4.99 -2.38 0.35
C5 PLP B . 3.60 -2.59 2.42
C6 PLP B . 3.21 -2.18 3.69
C5A PLP B . 2.96 -3.82 1.85
O4P PLP B . 3.64 -5.03 2.27
P PLP B . 2.98 -6.49 2.22
O1P PLP B . 4.09 -7.35 2.68
O2P PLP B . 1.85 -6.43 3.16
O3P PLP B . 2.62 -6.70 0.80
P IMP C . -8.61 22.00 -14.20
O1P IMP C . -8.04 22.36 -12.89
O2P IMP C . -10.01 22.42 -14.43
O3P IMP C . -8.30 20.64 -14.67
O5' IMP C . -7.79 22.94 -15.24
C5' IMP C . -6.38 22.77 -15.43
C4' IMP C . -5.85 23.68 -16.56
O4' IMP C . -6.71 23.72 -17.72
C3' IMP C . -5.75 25.13 -16.09
O3' IMP C . -4.57 25.32 -15.29
C2' IMP C . -5.66 25.86 -17.41
O2' IMP C . -4.32 25.82 -17.95
C1' IMP C . -6.60 25.05 -18.31
N9 IMP C . -7.95 25.71 -18.35
C8 IMP C . -8.99 25.41 -17.58
N7 IMP C . -10.00 26.22 -17.91
C5 IMP C . -9.58 27.02 -18.89
C6 IMP C . -10.19 27.99 -19.56
O6 IMP C . -11.37 28.28 -19.30
N1 IMP C . -9.51 28.71 -20.57
C2 IMP C . -8.25 28.40 -20.85
N3 IMP C . -7.62 27.38 -20.12
C4 IMP C . -8.31 26.71 -19.16
C9 CAW D . -7.44 -0.33 4.83
C14 CAW D . -8.62 0.12 5.44
C13 CAW D . -9.49 -0.82 6.00
C12 CAW D . -9.18 -2.18 5.94
C18 CAW D . -10.07 -3.09 6.51
C17 CAW D . -9.78 -4.45 6.46
C16 CAW D . -8.61 -4.91 5.85
C15 CAW D . -7.73 -3.99 5.29
C11 CAW D . -8.01 -2.62 5.32
C10 CAW D . -7.12 -1.69 4.76
C8 CAW D . -5.91 -2.05 4.13
O8 CAW D . -4.89 -1.42 4.44
N2 CAW D . -5.97 -3.08 3.22
C7 CAW D . -4.87 -3.50 2.52
O7 CAW D . -3.77 -2.98 2.66
N1 CAW D . -5.02 -4.53 1.65
C1 CAW D . -3.91 -5.06 0.84
O5 CAW D . -3.98 -4.53 -0.50
C5 CAW D . -2.76 -4.79 -1.22
C6 CAW D . -2.85 -4.07 -2.58
O6 CAW D . -3.80 -4.73 -3.43
C4 CAW D . -2.56 -6.32 -1.41
O4 CAW D . -1.25 -6.57 -2.00
C3 CAW D . -2.65 -7.06 -0.06
O3 CAW D . -2.69 -8.47 -0.32
C2 CAW D . -3.93 -6.61 0.73
O2 CAW D . -3.96 -7.23 2.03
#